data_2VFG
#
_entry.id   2VFG
#
_cell.length_a   90.197
_cell.length_b   47.136
_cell.length_c   109.167
_cell.angle_alpha   90.00
_cell.angle_beta   96.65
_cell.angle_gamma   90.00
#
_symmetry.space_group_name_H-M   'P 1 21 1'
#
loop_
_entity.id
_entity.type
_entity.pdbx_description
1 polymer 'TRIOSEPHOSPHATE ISOMERASE'
2 non-polymer '3-PHOSPHOGLYCERIC ACID'
3 water water
#
_entity_poly.entity_id   1
_entity_poly.type   'polypeptide(L)'
_entity_poly.pdbx_seq_one_letter_code
;MARKYFVAANWKCNGTLESIKSLTNSFNNLDFDPSKLDVVVFPVSVHYDHTRKLLQSKFSTGIQNVSKFGNGSYTGEVSA
EIAKDLNIEYVIIGHHERRKYFHETDEDVREKLQASLKNNLKAVVCFGESLEQREQNKTIEVITKQVKAFVDLIDNFDNV
ILVYEPLWAIGTGKTATPEQAQLVHKEIRKIVKDTCGEKQANQIRILYGGSVNTENCSSLIQQEDIDGFLVGNASLKESF
VDIIKSAM
;
_entity_poly.pdbx_strand_id   A,B,C,D
#
loop_
_chem_comp.id
_chem_comp.type
_chem_comp.name
_chem_comp.formula
3PG non-polymer '3-PHOSPHOGLYCERIC ACID' 'C3 H7 O7 P'
#
# COMPACT_ATOMS: atom_id res chain seq x y z
N ALA A 2 -35.59 22.65 -15.06
CA ALA A 2 -35.58 21.61 -16.13
C ALA A 2 -34.76 20.39 -15.71
N ARG A 3 -35.10 19.24 -16.30
CA ARG A 3 -34.38 18.01 -16.04
C ARG A 3 -33.06 17.95 -16.81
N LYS A 4 -32.01 17.52 -16.13
CA LYS A 4 -30.70 17.33 -16.73
C LYS A 4 -30.73 16.06 -17.58
N TYR A 5 -30.42 16.20 -18.88
CA TYR A 5 -30.45 15.06 -19.79
C TYR A 5 -29.34 14.04 -19.50
N PHE A 6 -29.60 12.79 -19.91
CA PHE A 6 -28.76 11.66 -19.53
C PHE A 6 -28.55 10.74 -20.75
N VAL A 7 -27.33 10.72 -21.27
CA VAL A 7 -26.98 9.87 -22.42
C VAL A 7 -26.01 8.77 -21.98
N ALA A 8 -26.45 7.52 -22.06
CA ALA A 8 -25.66 6.39 -21.57
C ALA A 8 -25.20 5.45 -22.67
N ALA A 9 -23.95 4.99 -22.55
CA ALA A 9 -23.34 4.09 -23.50
C ALA A 9 -23.18 2.69 -22.91
N ASN A 10 -24.07 1.78 -23.28
CA ASN A 10 -23.99 0.39 -22.86
C ASN A 10 -23.21 -0.40 -23.91
N TRP A 11 -21.93 -0.62 -23.63
CA TRP A 11 -21.06 -1.36 -24.55
C TRP A 11 -21.32 -2.86 -24.54
N LYS A 12 -22.10 -3.31 -23.55
CA LYS A 12 -22.46 -4.73 -23.38
C LYS A 12 -21.21 -5.62 -23.35
N CYS A 13 -21.29 -6.82 -23.92
CA CYS A 13 -20.13 -7.72 -23.94
C CYS A 13 -19.32 -7.52 -25.23
N ASN A 14 -18.69 -6.36 -25.33
CA ASN A 14 -17.91 -5.98 -26.52
C ASN A 14 -16.67 -5.18 -26.17
N GLY A 15 -15.65 -5.25 -27.03
CA GLY A 15 -14.50 -4.36 -26.94
C GLY A 15 -13.17 -5.04 -26.70
N THR A 16 -12.12 -4.42 -27.25
CA THR A 16 -10.73 -4.78 -26.96
C THR A 16 -10.04 -3.55 -26.40
N LEU A 17 -8.83 -3.73 -25.85
CA LEU A 17 -8.06 -2.62 -25.30
C LEU A 17 -7.75 -1.56 -26.36
N GLU A 18 -7.46 -2.01 -27.57
CA GLU A 18 -7.13 -1.12 -28.69
C GLU A 18 -8.36 -0.37 -29.23
N SER A 19 -9.49 -1.08 -29.34
CA SER A 19 -10.73 -0.49 -29.84
C SER A 19 -11.31 0.54 -28.88
N ILE A 20 -11.14 0.31 -27.58
CA ILE A 20 -11.56 1.25 -26.54
C ILE A 20 -10.70 2.51 -26.58
N LYS A 21 -9.39 2.32 -26.78
CA LYS A 21 -8.45 3.44 -26.93
C LYS A 21 -8.83 4.34 -28.10
N SER A 22 -9.23 3.73 -29.21
CA SER A 22 -9.68 4.45 -30.40
C SER A 22 -11.03 5.13 -30.19
N LEU A 23 -11.94 4.44 -29.51
CA LEU A 23 -13.29 4.95 -29.27
C LEU A 23 -13.34 6.10 -28.27
N THR A 24 -12.56 5.97 -27.18
CA THR A 24 -12.51 7.00 -26.14
C THR A 24 -11.85 8.30 -26.61
N ASN A 25 -10.91 8.17 -27.54
CA ASN A 25 -10.22 9.33 -28.13
C ASN A 25 -11.15 10.20 -28.96
N SER A 26 -12.04 9.55 -29.71
CA SER A 26 -13.06 10.24 -30.51
C SER A 26 -14.11 10.87 -29.59
N PHE A 27 -14.43 10.18 -28.51
CA PHE A 27 -15.38 10.66 -27.50
C PHE A 27 -14.85 11.92 -26.82
N ASN A 28 -13.56 11.91 -26.48
CA ASN A 28 -12.89 13.05 -25.84
C ASN A 28 -12.86 14.32 -26.68
N ASN A 29 -12.97 14.17 -28.00
CA ASN A 29 -12.99 15.31 -28.93
C ASN A 29 -14.26 16.16 -28.84
N LEU A 30 -15.33 15.58 -28.29
CA LEU A 30 -16.58 16.30 -28.10
C LEU A 30 -16.52 17.22 -26.88
N ASP A 31 -16.81 18.50 -27.10
CA ASP A 31 -16.78 19.51 -26.05
C ASP A 31 -18.19 19.73 -25.50
N PHE A 32 -18.40 19.31 -24.26
CA PHE A 32 -19.68 19.51 -23.57
C PHE A 32 -19.47 19.82 -22.08
N ASP A 33 -20.47 20.47 -21.47
CA ASP A 33 -20.44 20.79 -20.05
C ASP A 33 -21.12 19.67 -19.26
N PRO A 34 -20.35 18.96 -18.41
CA PRO A 34 -20.89 17.87 -17.60
C PRO A 34 -21.85 18.32 -16.49
N SER A 35 -21.84 19.62 -16.18
CA SER A 35 -22.75 20.18 -15.18
C SER A 35 -24.15 20.41 -15.72
N LYS A 36 -24.31 20.25 -17.03
CA LYS A 36 -25.60 20.44 -17.71
C LYS A 36 -26.08 19.21 -18.47
N LEU A 37 -25.17 18.26 -18.70
CA LEU A 37 -25.48 17.03 -19.40
C LEU A 37 -24.71 15.86 -18.81
N ASP A 38 -25.43 14.79 -18.47
CA ASP A 38 -24.81 13.55 -17.99
C ASP A 38 -24.52 12.61 -19.16
N VAL A 39 -23.25 12.23 -19.31
CA VAL A 39 -22.84 11.24 -20.31
C VAL A 39 -22.08 10.13 -19.61
N VAL A 40 -22.64 8.92 -19.62
CA VAL A 40 -22.07 7.80 -18.88
C VAL A 40 -21.70 6.65 -19.82
N VAL A 41 -20.49 6.11 -19.63
CA VAL A 41 -20.02 4.97 -20.42
C VAL A 41 -19.93 3.73 -19.52
N PHE A 42 -20.56 2.65 -19.98
CA PHE A 42 -20.59 1.39 -19.23
C PHE A 42 -19.79 0.29 -19.95
N PRO A 43 -18.47 0.20 -19.67
CA PRO A 43 -17.68 -0.87 -20.27
C PRO A 43 -17.83 -2.19 -19.50
N VAL A 44 -17.24 -3.25 -20.04
CA VAL A 44 -17.13 -4.53 -19.34
C VAL A 44 -16.32 -4.31 -18.06
N SER A 45 -16.67 -5.04 -16.99
CA SER A 45 -16.02 -4.90 -15.69
C SER A 45 -14.49 -4.88 -15.75
N VAL A 46 -13.91 -5.82 -16.49
CA VAL A 46 -12.46 -5.92 -16.66
C VAL A 46 -11.86 -4.77 -17.48
N HIS A 47 -12.72 -4.06 -18.22
CA HIS A 47 -12.29 -2.90 -19.00
C HIS A 47 -12.49 -1.55 -18.27
N TYR A 48 -13.02 -1.59 -17.04
CA TYR A 48 -13.37 -0.34 -16.34
C TYR A 48 -12.19 0.60 -16.11
N ASP A 49 -11.10 0.09 -15.53
CA ASP A 49 -9.91 0.89 -15.23
C ASP A 49 -9.30 1.48 -16.49
N HIS A 50 -9.21 0.66 -17.53
CA HIS A 50 -8.73 1.06 -18.85
C HIS A 50 -9.57 2.22 -19.42
N THR A 51 -10.90 2.06 -19.35
CA THR A 51 -11.84 3.05 -19.88
C THR A 51 -11.85 4.34 -19.06
N ARG A 52 -11.81 4.20 -17.73
CA ARG A 52 -11.82 5.36 -16.83
C ARG A 52 -10.58 6.26 -17.01
N LYS A 53 -9.41 5.63 -17.17
CA LYS A 53 -8.16 6.35 -17.37
C LYS A 53 -8.11 7.10 -18.71
N LEU A 54 -8.69 6.49 -19.75
CA LEU A 54 -8.68 7.07 -21.10
C LEU A 54 -9.69 8.19 -21.31
N LEU A 55 -10.86 8.07 -20.67
CA LEU A 55 -11.91 9.08 -20.79
C LEU A 55 -11.64 10.31 -19.93
N GLN A 56 -11.91 11.48 -20.50
CA GLN A 56 -11.83 12.75 -19.76
C GLN A 56 -12.90 12.82 -18.68
N SER A 57 -12.65 13.63 -17.66
CA SER A 57 -13.50 13.71 -16.47
C SER A 57 -14.96 14.14 -16.74
N LYS A 58 -15.18 14.80 -17.87
CA LYS A 58 -16.54 15.18 -18.31
C LYS A 58 -17.43 13.95 -18.51
N PHE A 59 -16.81 12.83 -18.88
CA PHE A 59 -17.51 11.56 -19.03
C PHE A 59 -17.60 10.83 -17.69
N SER A 60 -18.81 10.45 -17.31
CA SER A 60 -19.02 9.59 -16.16
C SER A 60 -18.86 8.13 -16.58
N THR A 61 -18.52 7.27 -15.62
CA THR A 61 -18.34 5.84 -15.90
C THR A 61 -19.08 4.97 -14.91
N GLY A 62 -19.38 3.74 -15.32
CA GLY A 62 -20.06 2.78 -14.45
C GLY A 62 -19.86 1.34 -14.89
N ILE A 63 -20.52 0.42 -14.18
CA ILE A 63 -20.48 -1.00 -14.52
C ILE A 63 -21.87 -1.53 -14.89
N GLN A 64 -21.88 -2.60 -15.68
CA GLN A 64 -23.11 -3.11 -16.31
C GLN A 64 -23.97 -3.99 -15.39
N ASN A 65 -23.40 -4.40 -14.26
CA ASN A 65 -24.11 -5.19 -13.26
C ASN A 65 -23.47 -5.04 -11.89
N VAL A 66 -24.27 -5.21 -10.84
CA VAL A 66 -23.78 -5.18 -9.47
C VAL A 66 -24.49 -6.26 -8.66
N SER A 67 -23.78 -6.84 -7.70
CA SER A 67 -24.30 -7.94 -6.89
C SER A 67 -25.42 -7.49 -5.96
N LYS A 68 -26.37 -8.40 -5.72
CA LYS A 68 -27.39 -8.23 -4.69
C LYS A 68 -26.80 -8.56 -3.32
N PHE A 69 -25.64 -9.22 -3.32
CA PHE A 69 -24.92 -9.56 -2.09
C PHE A 69 -23.87 -8.50 -1.75
N GLY A 70 -23.55 -8.40 -0.46
CA GLY A 70 -22.41 -7.61 -0.01
C GLY A 70 -21.14 -8.43 -0.07
N ASN A 71 -20.09 -7.96 0.58
CA ASN A 71 -18.82 -8.68 0.63
C ASN A 71 -18.94 -10.02 1.34
N GLY A 72 -18.27 -11.04 0.79
CA GLY A 72 -18.29 -12.37 1.37
C GLY A 72 -18.07 -13.49 0.36
N SER A 73 -18.51 -14.69 0.72
CA SER A 73 -18.27 -15.88 -0.08
C SER A 73 -19.25 -15.98 -1.24
N TYR A 74 -19.04 -15.15 -2.26
CA TYR A 74 -19.86 -15.14 -3.46
C TYR A 74 -18.96 -15.01 -4.68
N THR A 75 -18.43 -16.16 -5.11
CA THR A 75 -17.48 -16.24 -6.22
C THR A 75 -18.07 -15.67 -7.51
N GLY A 76 -17.33 -14.77 -8.16
CA GLY A 76 -17.74 -14.17 -9.43
C GLY A 76 -18.55 -12.90 -9.30
N GLU A 77 -18.79 -12.46 -8.07
CA GLU A 77 -19.65 -11.30 -7.81
C GLU A 77 -18.88 -10.00 -7.57
N VAL A 78 -19.51 -8.88 -7.95
CA VAL A 78 -18.98 -7.54 -7.68
C VAL A 78 -19.99 -6.79 -6.83
N SER A 79 -19.67 -6.61 -5.55
CA SER A 79 -20.55 -5.91 -4.61
C SER A 79 -20.52 -4.40 -4.80
N ALA A 80 -21.57 -3.74 -4.33
CA ALA A 80 -21.66 -2.27 -4.34
C ALA A 80 -20.59 -1.64 -3.44
N GLU A 81 -20.20 -2.37 -2.39
CA GLU A 81 -19.15 -1.92 -1.48
CA GLU A 81 -19.14 -1.94 -1.47
C GLU A 81 -17.80 -1.82 -2.19
N ILE A 82 -17.50 -2.81 -3.02
CA ILE A 82 -16.27 -2.85 -3.82
C ILE A 82 -16.28 -1.75 -4.88
N ALA A 83 -17.45 -1.53 -5.50
CA ALA A 83 -17.62 -0.48 -6.49
C ALA A 83 -17.42 0.92 -5.92
N LYS A 84 -17.89 1.12 -4.69
CA LYS A 84 -17.73 2.40 -3.99
C LYS A 84 -16.26 2.72 -3.68
N ASP A 85 -15.51 1.70 -3.26
CA ASP A 85 -14.08 1.84 -2.95
C ASP A 85 -13.27 2.23 -4.19
N LEU A 86 -13.71 1.75 -5.35
CA LEU A 86 -13.07 2.09 -6.63
C LEU A 86 -13.60 3.38 -7.25
N ASN A 87 -14.51 4.05 -6.53
CA ASN A 87 -15.15 5.28 -6.99
C ASN A 87 -15.96 5.13 -8.29
N ILE A 88 -16.46 3.91 -8.53
CA ILE A 88 -17.38 3.65 -9.63
C ILE A 88 -18.69 4.38 -9.33
N GLU A 89 -19.09 5.28 -10.24
CA GLU A 89 -20.22 6.17 -9.99
C GLU A 89 -21.58 5.53 -10.28
N TYR A 90 -21.68 4.84 -11.41
CA TYR A 90 -22.96 4.32 -11.89
C TYR A 90 -23.00 2.79 -11.98
N VAL A 91 -24.20 2.24 -11.90
CA VAL A 91 -24.45 0.81 -12.13
C VAL A 91 -25.70 0.62 -13.00
N ILE A 92 -25.72 -0.46 -13.78
CA ILE A 92 -26.92 -0.88 -14.49
C ILE A 92 -27.55 -2.05 -13.75
N ILE A 93 -28.85 -1.94 -13.47
CA ILE A 93 -29.60 -2.97 -12.77
C ILE A 93 -30.86 -3.34 -13.56
N GLY A 94 -31.08 -4.63 -13.73
CA GLY A 94 -32.31 -5.13 -14.34
C GLY A 94 -32.41 -5.05 -15.85
N HIS A 95 -31.26 -5.00 -16.53
CA HIS A 95 -31.23 -5.04 -17.99
C HIS A 95 -31.87 -6.35 -18.46
N HIS A 96 -32.70 -6.26 -19.49
CA HIS A 96 -33.52 -7.40 -19.93
C HIS A 96 -32.72 -8.63 -20.31
N GLU A 97 -31.48 -8.42 -20.76
CA GLU A 97 -30.57 -9.52 -21.10
C GLU A 97 -30.17 -10.35 -19.88
N ARG A 98 -30.14 -9.71 -18.71
CA ARG A 98 -29.88 -10.40 -17.46
C ARG A 98 -31.13 -11.10 -16.92
N ARG A 99 -32.29 -10.50 -17.18
CA ARG A 99 -33.58 -11.13 -16.89
C ARG A 99 -33.84 -12.31 -17.81
N LYS A 100 -33.33 -12.22 -19.04
CA LYS A 100 -33.55 -13.22 -20.08
C LYS A 100 -32.71 -14.48 -19.88
N TYR A 101 -31.39 -14.30 -19.73
CA TYR A 101 -30.46 -15.43 -19.71
C TYR A 101 -29.94 -15.82 -18.32
N PHE A 102 -30.06 -14.92 -17.35
CA PHE A 102 -29.41 -15.12 -16.05
C PHE A 102 -30.35 -15.10 -14.84
N HIS A 103 -31.62 -15.43 -15.09
CA HIS A 103 -32.63 -15.61 -14.04
C HIS A 103 -32.90 -14.39 -13.15
N GLU A 104 -32.48 -13.21 -13.58
CA GLU A 104 -32.66 -12.00 -12.77
C GLU A 104 -34.14 -11.63 -12.68
N THR A 105 -34.61 -11.53 -11.44
CA THR A 105 -36.03 -11.26 -11.15
C THR A 105 -36.22 -9.84 -10.61
N ASP A 106 -37.47 -9.47 -10.37
CA ASP A 106 -37.83 -8.18 -9.79
C ASP A 106 -37.25 -7.99 -8.39
N GLU A 107 -37.20 -9.07 -7.62
CA GLU A 107 -36.67 -9.03 -6.25
C GLU A 107 -35.14 -8.89 -6.24
N ASP A 108 -34.49 -9.47 -7.25
CA ASP A 108 -33.05 -9.28 -7.46
C ASP A 108 -32.74 -7.81 -7.74
N VAL A 109 -33.56 -7.21 -8.59
CA VAL A 109 -33.47 -5.78 -8.94
C VAL A 109 -33.56 -4.90 -7.71
N ARG A 110 -34.52 -5.21 -6.84
CA ARG A 110 -34.72 -4.48 -5.59
C ARG A 110 -33.47 -4.54 -4.69
N GLU A 111 -33.00 -5.76 -4.45
CA GLU A 111 -31.84 -6.00 -3.58
C GLU A 111 -30.56 -5.36 -4.13
N LYS A 112 -30.43 -5.31 -5.46
CA LYS A 112 -29.31 -4.65 -6.12
C LYS A 112 -29.36 -3.13 -5.93
N LEU A 113 -30.54 -2.54 -6.11
CA LEU A 113 -30.73 -1.10 -5.90
C LEU A 113 -30.50 -0.73 -4.43
N GLN A 114 -31.03 -1.54 -3.53
CA GLN A 114 -30.85 -1.36 -2.09
C GLN A 114 -29.36 -1.32 -1.73
N ALA A 115 -28.60 -2.30 -2.21
CA ALA A 115 -27.17 -2.38 -1.97
C ALA A 115 -26.41 -1.21 -2.61
N SER A 116 -26.81 -0.83 -3.82
CA SER A 116 -26.19 0.27 -4.56
C SER A 116 -26.36 1.61 -3.86
N LEU A 117 -27.59 1.92 -3.44
CA LEU A 117 -27.88 3.17 -2.76
C LEU A 117 -27.24 3.26 -1.39
N LYS A 118 -27.22 2.15 -0.65
CA LYS A 118 -26.56 2.07 0.65
C LYS A 118 -25.07 2.45 0.58
N ASN A 119 -24.46 2.13 -0.55
CA ASN A 119 -23.04 2.41 -0.79
C ASN A 119 -22.80 3.62 -1.67
N ASN A 120 -23.77 4.53 -1.69
CA ASN A 120 -23.68 5.81 -2.41
C ASN A 120 -23.36 5.70 -3.91
N LEU A 121 -23.93 4.69 -4.55
CA LEU A 121 -23.81 4.54 -6.00
C LEU A 121 -25.06 5.07 -6.68
N LYS A 122 -24.90 5.51 -7.91
CA LYS A 122 -26.02 5.97 -8.73
C LYS A 122 -26.46 4.83 -9.64
N ALA A 123 -27.77 4.62 -9.75
CA ALA A 123 -28.30 3.44 -10.43
C ALA A 123 -29.15 3.75 -11.66
N VAL A 124 -28.87 3.00 -12.73
CA VAL A 124 -29.64 3.03 -13.96
C VAL A 124 -30.47 1.75 -14.01
N VAL A 125 -31.76 1.86 -13.65
CA VAL A 125 -32.61 0.69 -13.48
C VAL A 125 -33.52 0.45 -14.68
N CYS A 126 -33.43 -0.74 -15.26
CA CYS A 126 -34.16 -1.09 -16.48
C CYS A 126 -35.38 -1.96 -16.22
N PHE A 127 -36.41 -1.75 -17.04
CA PHE A 127 -37.66 -2.53 -16.99
C PHE A 127 -38.40 -2.41 -18.33
N GLY A 128 -39.43 -3.23 -18.52
CA GLY A 128 -40.22 -3.21 -19.76
C GLY A 128 -40.97 -4.50 -20.03
N GLU A 129 -41.95 -4.44 -20.92
CA GLU A 129 -42.82 -5.58 -21.19
C GLU A 129 -42.51 -6.27 -22.53
N SER A 130 -42.76 -7.58 -22.57
CA SER A 130 -42.52 -8.40 -23.75
C SER A 130 -43.63 -8.26 -24.80
N LEU A 131 -43.43 -8.88 -25.96
CA LEU A 131 -44.41 -8.86 -27.06
C LEU A 131 -45.76 -9.44 -26.64
N GLU A 132 -45.72 -10.58 -25.93
CA GLU A 132 -46.92 -11.25 -25.46
C GLU A 132 -47.72 -10.39 -24.47
N GLN A 133 -46.99 -9.66 -23.62
CA GLN A 133 -47.60 -8.82 -22.60
C GLN A 133 -48.31 -7.59 -23.17
N ARG A 134 -47.67 -6.93 -24.14
CA ARG A 134 -48.26 -5.77 -24.82
C ARG A 134 -49.48 -6.13 -25.66
N GLU A 135 -49.38 -7.24 -26.40
CA GLU A 135 -50.48 -7.73 -27.24
C GLU A 135 -51.74 -8.05 -26.43
N GLN A 136 -51.54 -8.42 -25.16
CA GLN A 136 -52.64 -8.71 -24.23
C GLN A 136 -53.09 -7.46 -23.47
N ASN A 137 -52.52 -6.31 -23.85
CA ASN A 137 -52.81 -5.01 -23.20
C ASN A 137 -52.44 -4.95 -21.71
N LYS A 138 -51.27 -5.51 -21.38
CA LYS A 138 -50.79 -5.54 -20.00
C LYS A 138 -49.57 -4.63 -19.77
N THR A 139 -49.33 -3.73 -20.73
CA THR A 139 -48.21 -2.79 -20.67
C THR A 139 -48.14 -2.03 -19.34
N ILE A 140 -49.25 -1.40 -18.97
CA ILE A 140 -49.33 -0.63 -17.73
C ILE A 140 -49.17 -1.53 -16.49
N GLU A 141 -49.84 -2.68 -16.51
CA GLU A 141 -49.79 -3.64 -15.39
C GLU A 141 -48.38 -4.17 -15.12
N VAL A 142 -47.69 -4.58 -16.19
CA VAL A 142 -46.33 -5.13 -16.09
C VAL A 142 -45.34 -4.08 -15.56
N ILE A 143 -45.37 -2.89 -16.18
CA ILE A 143 -44.49 -1.80 -15.78
C ILE A 143 -44.76 -1.32 -14.35
N THR A 144 -46.03 -1.24 -13.97
CA THR A 144 -46.42 -0.90 -12.60
C THR A 144 -45.80 -1.88 -11.60
N LYS A 145 -45.92 -3.18 -11.89
CA LYS A 145 -45.35 -4.24 -11.06
C LYS A 145 -43.81 -4.14 -11.00
N GLN A 146 -43.20 -3.87 -12.14
CA GLN A 146 -41.73 -3.76 -12.24
C GLN A 146 -41.18 -2.54 -11.49
N VAL A 147 -41.84 -1.39 -11.64
CA VAL A 147 -41.41 -0.16 -10.99
C VAL A 147 -41.60 -0.19 -9.46
N LYS A 148 -42.79 -0.59 -9.02
CA LYS A 148 -43.13 -0.65 -7.59
C LYS A 148 -42.28 -1.65 -6.81
N ALA A 149 -41.60 -2.55 -7.53
CA ALA A 149 -40.69 -3.52 -6.91
C ALA A 149 -39.48 -2.86 -6.26
N PHE A 150 -39.10 -1.69 -6.74
CA PHE A 150 -37.90 -0.99 -6.25
C PHE A 150 -38.08 0.50 -5.93
N VAL A 151 -39.19 1.09 -6.40
CA VAL A 151 -39.36 2.55 -6.40
C VAL A 151 -39.29 3.22 -5.02
N ASP A 152 -39.71 2.50 -3.97
CA ASP A 152 -39.71 3.05 -2.61
C ASP A 152 -38.31 3.28 -2.05
N LEU A 153 -37.32 2.60 -2.62
CA LEU A 153 -35.94 2.69 -2.15
C LEU A 153 -35.24 4.00 -2.56
N ILE A 154 -35.77 4.66 -3.59
CA ILE A 154 -35.18 5.89 -4.12
C ILE A 154 -35.19 7.01 -3.06
N ASP A 155 -33.99 7.43 -2.66
CA ASP A 155 -33.81 8.46 -1.64
C ASP A 155 -33.37 9.80 -2.24
N ASN A 156 -32.80 9.74 -3.43
CA ASN A 156 -32.42 10.91 -4.20
C ASN A 156 -32.85 10.68 -5.65
N PHE A 157 -33.66 11.60 -6.17
CA PHE A 157 -34.26 11.42 -7.49
C PHE A 157 -33.41 11.97 -8.64
N ASP A 158 -32.21 12.44 -8.29
CA ASP A 158 -31.17 12.75 -9.27
C ASP A 158 -30.25 11.53 -9.43
N ASN A 159 -30.26 10.66 -8.43
CA ASN A 159 -29.32 9.54 -8.34
C ASN A 159 -29.85 8.19 -8.83
N VAL A 160 -31.15 8.12 -9.09
CA VAL A 160 -31.74 6.93 -9.72
C VAL A 160 -32.33 7.33 -11.06
N ILE A 161 -31.92 6.62 -12.11
CA ILE A 161 -32.36 6.89 -13.47
C ILE A 161 -33.09 5.67 -14.03
N LEU A 162 -34.30 5.87 -14.55
CA LEU A 162 -35.14 4.78 -15.03
C LEU A 162 -35.00 4.60 -16.54
N VAL A 163 -35.10 3.35 -16.98
CA VAL A 163 -34.98 3.01 -18.40
C VAL A 163 -36.13 2.11 -18.85
N TYR A 164 -36.90 2.57 -19.83
CA TYR A 164 -37.94 1.75 -20.44
C TYR A 164 -37.41 0.97 -21.63
N GLU A 165 -37.40 -0.35 -21.50
CA GLU A 165 -36.98 -1.24 -22.58
C GLU A 165 -38.19 -1.88 -23.26
N PRO A 166 -38.50 -1.44 -24.50
CA PRO A 166 -39.60 -2.03 -25.25
C PRO A 166 -39.22 -3.40 -25.83
N LEU A 167 -39.32 -4.43 -25.00
CA LEU A 167 -38.94 -5.80 -25.37
C LEU A 167 -39.79 -6.35 -26.52
N TRP A 168 -41.00 -5.80 -26.63
CA TRP A 168 -41.92 -6.13 -27.72
C TRP A 168 -41.41 -5.66 -29.09
N ALA A 169 -40.45 -4.73 -29.07
CA ALA A 169 -39.85 -4.21 -30.30
C ALA A 169 -38.42 -4.71 -30.51
N ILE A 170 -37.90 -5.45 -29.54
CA ILE A 170 -36.54 -6.00 -29.61
C ILE A 170 -36.57 -7.47 -30.01
N GLY A 171 -35.87 -7.80 -31.09
CA GLY A 171 -35.76 -9.18 -31.57
C GLY A 171 -37.00 -9.70 -32.27
N THR A 172 -38.03 -8.85 -32.34
CA THR A 172 -39.29 -9.19 -33.00
C THR A 172 -39.40 -8.45 -34.33
N GLY A 173 -40.60 -8.45 -34.91
CA GLY A 173 -40.86 -7.73 -36.15
C GLY A 173 -41.38 -6.32 -35.91
N LYS A 174 -41.83 -6.06 -34.68
CA LYS A 174 -42.43 -4.79 -34.31
C LYS A 174 -41.41 -3.67 -34.14
N THR A 175 -41.83 -2.44 -34.42
CA THR A 175 -40.99 -1.25 -34.30
C THR A 175 -41.66 -0.23 -33.39
N ALA A 176 -40.91 0.29 -32.42
CA ALA A 176 -41.41 1.29 -31.48
C ALA A 176 -41.19 2.70 -32.00
N THR A 177 -42.26 3.49 -32.02
CA THR A 177 -42.19 4.90 -32.40
C THR A 177 -41.86 5.75 -31.16
N PRO A 178 -41.26 6.95 -31.36
CA PRO A 178 -40.97 7.86 -30.26
C PRO A 178 -42.17 8.19 -29.37
N GLU A 179 -43.34 8.35 -29.98
CA GLU A 179 -44.57 8.69 -29.24
C GLU A 179 -45.18 7.51 -28.50
N GLN A 180 -44.98 6.29 -29.01
CA GLN A 180 -45.36 5.07 -28.30
C GLN A 180 -44.53 4.92 -27.02
N ALA A 181 -43.26 5.31 -27.11
CA ALA A 181 -42.37 5.34 -25.96
C ALA A 181 -42.74 6.49 -25.02
N GLN A 182 -43.06 7.66 -25.60
CA GLN A 182 -43.46 8.84 -24.84
C GLN A 182 -44.64 8.57 -23.90
N LEU A 183 -45.68 7.92 -24.41
CA LEU A 183 -46.87 7.62 -23.62
C LEU A 183 -46.59 6.64 -22.49
N VAL A 184 -45.63 5.74 -22.70
CA VAL A 184 -45.18 4.83 -21.65
C VAL A 184 -44.38 5.60 -20.59
N HIS A 185 -43.43 6.42 -21.05
CA HIS A 185 -42.64 7.31 -20.19
C HIS A 185 -43.53 8.20 -19.30
N LYS A 186 -44.60 8.72 -19.90
CA LYS A 186 -45.57 9.56 -19.19
C LYS A 186 -46.28 8.80 -18.07
N GLU A 187 -46.59 7.54 -18.33
CA GLU A 187 -47.24 6.66 -17.35
CA GLU A 187 -47.24 6.67 -17.35
C GLU A 187 -46.28 6.26 -16.23
N ILE A 188 -45.02 6.03 -16.60
CA ILE A 188 -43.97 5.70 -15.63
C ILE A 188 -43.81 6.86 -14.64
N ARG A 189 -43.78 8.08 -15.17
CA ARG A 189 -43.65 9.29 -14.36
C ARG A 189 -44.85 9.51 -13.45
N LYS A 190 -46.04 9.11 -13.92
CA LYS A 190 -47.26 9.18 -13.11
C LYS A 190 -47.21 8.20 -11.95
N ILE A 191 -46.64 7.02 -12.18
CA ILE A 191 -46.43 6.02 -11.14
C ILE A 191 -45.50 6.57 -10.06
N VAL A 192 -44.41 7.22 -10.48
CA VAL A 192 -43.48 7.86 -9.55
C VAL A 192 -44.16 9.01 -8.80
N LYS A 193 -44.99 9.78 -9.51
CA LYS A 193 -45.74 10.90 -8.93
C LYS A 193 -46.62 10.47 -7.75
N ASP A 194 -47.36 9.38 -7.92
CA ASP A 194 -48.32 8.95 -6.92
C ASP A 194 -47.74 8.05 -5.83
N THR A 195 -46.58 7.44 -6.09
CA THR A 195 -45.89 6.63 -5.10
C THR A 195 -44.87 7.42 -4.27
N CYS A 196 -44.23 8.40 -4.90
CA CYS A 196 -43.14 9.15 -4.28
C CYS A 196 -43.46 10.63 -4.06
N GLY A 197 -44.06 11.27 -5.07
CA GLY A 197 -44.40 12.69 -4.99
C GLY A 197 -44.28 13.41 -6.33
N GLU A 198 -44.95 14.56 -6.44
CA GLU A 198 -44.99 15.33 -7.68
C GLU A 198 -43.63 15.94 -8.05
N LYS A 199 -42.96 16.53 -7.06
CA LYS A 199 -41.64 17.13 -7.24
C LYS A 199 -40.60 16.07 -7.61
N GLN A 200 -40.72 14.90 -6.98
CA GLN A 200 -39.82 13.77 -7.21
C GLN A 200 -39.95 13.18 -8.62
N ALA A 201 -41.19 13.13 -9.12
CA ALA A 201 -41.47 12.65 -10.46
C ALA A 201 -40.97 13.63 -11.53
N ASN A 202 -41.08 14.92 -11.22
CA ASN A 202 -40.60 15.97 -12.12
C ASN A 202 -39.07 16.05 -12.15
N GLN A 203 -38.42 15.47 -11.15
CA GLN A 203 -36.95 15.43 -11.05
C GLN A 203 -36.34 14.25 -11.79
N ILE A 204 -36.96 13.09 -11.65
CA ILE A 204 -36.38 11.82 -12.10
C ILE A 204 -36.23 11.70 -13.62
N ARG A 205 -35.07 11.21 -14.05
CA ARG A 205 -34.81 10.96 -15.46
C ARG A 205 -35.37 9.61 -15.89
N ILE A 206 -36.10 9.61 -17.00
CA ILE A 206 -36.60 8.38 -17.61
C ILE A 206 -36.08 8.27 -19.04
N LEU A 207 -35.25 7.25 -19.27
CA LEU A 207 -34.58 7.07 -20.57
C LEU A 207 -35.25 6.02 -21.42
N TYR A 208 -35.19 6.22 -22.74
CA TYR A 208 -35.62 5.20 -23.69
C TYR A 208 -34.51 4.17 -23.86
N GLY A 209 -34.88 2.89 -23.75
CA GLY A 209 -33.90 1.79 -23.81
C GLY A 209 -34.05 0.87 -25.00
N GLY A 210 -34.78 1.31 -26.00
CA GLY A 210 -34.89 0.56 -27.26
C GLY A 210 -33.74 0.89 -28.19
N SER A 211 -33.93 0.62 -29.48
CA SER A 211 -32.90 0.88 -30.49
C SER A 211 -32.72 2.37 -30.74
N VAL A 212 -31.53 2.87 -30.44
CA VAL A 212 -31.20 4.28 -30.62
C VAL A 212 -30.01 4.41 -31.57
N ASN A 213 -30.19 5.23 -32.61
CA ASN A 213 -29.14 5.50 -33.59
C ASN A 213 -29.01 6.99 -33.90
N THR A 214 -28.12 7.32 -34.85
CA THR A 214 -27.88 8.72 -35.24
C THR A 214 -29.09 9.40 -35.88
N GLU A 215 -29.97 8.60 -36.47
CA GLU A 215 -31.12 9.13 -37.22
C GLU A 215 -32.37 9.37 -36.38
N ASN A 216 -32.60 8.53 -35.36
CA ASN A 216 -33.82 8.61 -34.56
C ASN A 216 -33.70 9.32 -33.21
N CYS A 217 -32.47 9.59 -32.78
CA CYS A 217 -32.19 10.15 -31.45
C CYS A 217 -32.84 11.51 -31.21
N SER A 218 -32.88 12.35 -32.24
CA SER A 218 -33.50 13.68 -32.14
C SER A 218 -35.02 13.61 -31.95
N SER A 219 -35.68 12.71 -32.67
CA SER A 219 -37.12 12.52 -32.56
C SER A 219 -37.52 11.92 -31.22
N LEU A 220 -36.61 11.16 -30.62
CA LEU A 220 -36.82 10.56 -29.30
C LEU A 220 -36.63 11.58 -28.19
N ILE A 221 -35.56 12.37 -28.26
CA ILE A 221 -35.21 13.32 -27.20
C ILE A 221 -36.17 14.53 -27.11
N GLN A 222 -36.84 14.84 -28.22
CA GLN A 222 -37.78 15.97 -28.25
C GLN A 222 -39.07 15.70 -27.47
N GLN A 223 -39.37 14.41 -27.25
CA GLN A 223 -40.54 13.99 -26.46
C GLN A 223 -40.43 14.49 -25.02
N GLU A 224 -41.55 14.97 -24.49
CA GLU A 224 -41.60 15.64 -23.19
C GLU A 224 -41.09 14.80 -22.01
N ASP A 225 -41.34 13.49 -22.07
CA ASP A 225 -41.02 12.61 -20.95
C ASP A 225 -39.84 11.65 -21.20
N ILE A 226 -39.16 11.83 -22.33
CA ILE A 226 -37.92 11.09 -22.61
C ILE A 226 -36.71 11.98 -22.33
N ASP A 227 -35.93 11.61 -21.32
CA ASP A 227 -34.84 12.44 -20.81
C ASP A 227 -33.46 11.98 -21.28
N GLY A 228 -33.45 11.06 -22.24
CA GLY A 228 -32.19 10.51 -22.76
C GLY A 228 -32.33 9.06 -23.19
N PHE A 229 -31.18 8.38 -23.34
CA PHE A 229 -31.17 7.02 -23.86
C PHE A 229 -30.12 6.14 -23.19
N LEU A 230 -30.41 4.85 -23.11
CA LEU A 230 -29.40 3.82 -22.87
C LEU A 230 -29.11 3.19 -24.23
N VAL A 231 -27.98 3.57 -24.82
CA VAL A 231 -27.65 3.19 -26.19
C VAL A 231 -26.80 1.92 -26.25
N GLY A 232 -27.19 1.01 -27.15
CA GLY A 232 -26.49 -0.25 -27.34
C GLY A 232 -25.42 -0.20 -28.42
N ASN A 233 -25.71 -0.83 -29.56
CA ASN A 233 -24.74 -0.98 -30.66
C ASN A 233 -24.13 0.33 -31.17
N ALA A 234 -24.94 1.38 -31.24
CA ALA A 234 -24.51 2.68 -31.76
C ALA A 234 -23.49 3.40 -30.87
N SER A 235 -23.38 2.94 -29.61
CA SER A 235 -22.42 3.52 -28.66
C SER A 235 -21.01 2.92 -28.83
N LEU A 236 -20.89 1.91 -29.69
CA LEU A 236 -19.61 1.29 -30.01
C LEU A 236 -18.95 1.96 -31.22
N LYS A 237 -19.66 2.93 -31.81
CA LYS A 237 -19.18 3.65 -32.99
C LYS A 237 -18.80 5.08 -32.63
N GLU A 238 -17.89 5.66 -33.42
CA GLU A 238 -17.46 7.04 -33.24
C GLU A 238 -18.64 8.02 -33.37
N SER A 239 -19.61 7.65 -34.20
CA SER A 239 -20.81 8.46 -34.43
C SER A 239 -21.73 8.62 -33.22
N PHE A 240 -21.36 7.97 -32.10
CA PHE A 240 -22.10 8.11 -30.84
C PHE A 240 -22.07 9.56 -30.32
N VAL A 241 -21.04 10.31 -30.71
CA VAL A 241 -20.92 11.73 -30.34
C VAL A 241 -22.08 12.57 -30.90
N ASP A 242 -22.63 12.13 -32.03
CA ASP A 242 -23.79 12.78 -32.64
C ASP A 242 -25.08 12.52 -31.85
N ILE A 243 -25.16 11.34 -31.24
CA ILE A 243 -26.28 10.97 -30.36
C ILE A 243 -26.24 11.79 -29.07
N ILE A 244 -25.04 12.06 -28.58
CA ILE A 244 -24.85 12.93 -27.42
C ILE A 244 -25.27 14.37 -27.76
N LYS A 245 -24.87 14.82 -28.96
CA LYS A 245 -25.17 16.19 -29.40
C LYS A 245 -26.67 16.50 -29.54
N SER A 246 -27.47 15.47 -29.79
CA SER A 246 -28.92 15.63 -29.90
C SER A 246 -29.57 16.04 -28.57
N ALA A 247 -28.90 15.69 -27.47
CA ALA A 247 -29.39 16.02 -26.14
C ALA A 247 -28.70 17.25 -25.54
N MET A 248 -27.81 17.87 -26.32
CA MET A 248 -27.07 19.06 -25.89
C MET A 248 -27.88 20.33 -26.09
N ARG B 3 3.71 -34.47 -11.56
CA ARG B 3 2.76 -33.33 -11.74
C ARG B 3 3.24 -32.06 -11.04
N LYS B 4 2.98 -30.92 -11.67
CA LYS B 4 3.31 -29.62 -11.11
C LYS B 4 2.21 -29.17 -10.16
N TYR B 5 2.57 -28.84 -8.92
CA TYR B 5 1.59 -28.39 -7.93
C TYR B 5 0.98 -27.03 -8.28
N PHE B 6 -0.22 -26.78 -7.78
CA PHE B 6 -1.05 -25.66 -8.20
C PHE B 6 -1.77 -25.07 -6.98
N VAL B 7 -1.34 -23.88 -6.56
CA VAL B 7 -1.95 -23.21 -5.40
C VAL B 7 -2.68 -21.94 -5.83
N ALA B 8 -3.99 -21.92 -5.64
CA ALA B 8 -4.83 -20.82 -6.11
C ALA B 8 -5.50 -20.05 -4.98
N ALA B 9 -5.48 -18.72 -5.14
CA ALA B 9 -6.12 -17.81 -4.19
C ALA B 9 -7.46 -17.31 -4.75
N ASN B 10 -8.55 -17.82 -4.18
CA ASN B 10 -9.88 -17.35 -4.53
C ASN B 10 -10.36 -16.31 -3.52
N TRP B 11 -10.15 -15.03 -3.86
CA TRP B 11 -10.54 -13.93 -2.99
C TRP B 11 -12.04 -13.75 -2.88
N LYS B 12 -12.79 -14.40 -3.77
CA LYS B 12 -14.25 -14.32 -3.84
C LYS B 12 -14.71 -12.86 -3.98
N CYS B 13 -15.79 -12.49 -3.29
CA CYS B 13 -16.28 -11.11 -3.33
C CYS B 13 -15.73 -10.32 -2.14
N ASN B 14 -14.43 -10.06 -2.16
CA ASN B 14 -13.74 -9.38 -1.07
C ASN B 14 -12.62 -8.47 -1.57
N GLY B 15 -12.31 -7.44 -0.79
CA GLY B 15 -11.13 -6.62 -1.04
C GLY B 15 -11.39 -5.15 -1.29
N THR B 16 -10.42 -4.33 -0.87
CA THR B 16 -10.37 -2.92 -1.22
C THR B 16 -9.03 -2.67 -1.90
N LEU B 17 -8.86 -1.49 -2.51
CA LEU B 17 -7.60 -1.14 -3.16
C LEU B 17 -6.44 -1.12 -2.18
N GLU B 18 -6.71 -0.68 -0.95
CA GLU B 18 -5.72 -0.63 0.12
C GLU B 18 -5.36 -2.02 0.65
N SER B 19 -6.37 -2.85 0.88
CA SER B 19 -6.16 -4.21 1.42
C SER B 19 -5.42 -5.11 0.43
N ILE B 20 -5.71 -4.94 -0.86
CA ILE B 20 -5.05 -5.68 -1.93
C ILE B 20 -3.56 -5.31 -2.02
N LYS B 21 -3.26 -4.02 -1.88
CA LYS B 21 -1.88 -3.54 -1.89
C LYS B 21 -1.08 -4.13 -0.74
N SER B 22 -1.71 -4.20 0.44
CA SER B 22 -1.10 -4.82 1.62
C SER B 22 -0.92 -6.32 1.42
N LEU B 23 -1.88 -6.94 0.75
CA LEU B 23 -1.88 -8.38 0.52
C LEU B 23 -0.87 -8.81 -0.54
N THR B 24 -0.84 -8.09 -1.65
CA THR B 24 0.11 -8.35 -2.74
C THR B 24 1.56 -8.07 -2.32
N ASN B 25 1.72 -7.16 -1.36
CA ASN B 25 3.02 -6.84 -0.76
C ASN B 25 3.67 -8.07 -0.10
N SER B 26 2.90 -8.75 0.75
CA SER B 26 3.37 -9.93 1.47
C SER B 26 3.54 -11.14 0.54
N PHE B 27 2.67 -11.23 -0.46
CA PHE B 27 2.74 -12.28 -1.47
C PHE B 27 4.03 -12.18 -2.28
N ASN B 28 4.34 -10.96 -2.75
CA ASN B 28 5.53 -10.70 -3.56
C ASN B 28 6.86 -10.97 -2.86
N ASN B 29 6.86 -10.86 -1.53
CA ASN B 29 8.06 -11.11 -0.73
C ASN B 29 8.46 -12.59 -0.65
N LEU B 30 7.54 -13.47 -1.06
CA LEU B 30 7.81 -14.91 -1.12
C LEU B 30 8.58 -15.26 -2.39
N ASP B 31 9.70 -15.96 -2.20
CA ASP B 31 10.59 -16.33 -3.31
C ASP B 31 10.31 -17.75 -3.78
N PHE B 32 9.74 -17.88 -4.98
CA PHE B 32 9.45 -19.20 -5.56
C PHE B 32 9.73 -19.25 -7.07
N ASP B 33 9.96 -20.47 -7.57
CA ASP B 33 10.20 -20.72 -8.99
C ASP B 33 8.87 -20.99 -9.70
N PRO B 34 8.49 -20.11 -10.65
CA PRO B 34 7.24 -20.28 -11.41
C PRO B 34 7.21 -21.51 -12.32
N SER B 35 8.38 -22.06 -12.65
CA SER B 35 8.46 -23.25 -13.50
C SER B 35 8.28 -24.54 -12.70
N LYS B 36 8.39 -24.44 -11.37
CA LYS B 36 8.27 -25.59 -10.49
C LYS B 36 6.91 -25.66 -9.79
N LEU B 37 6.29 -24.49 -9.61
CA LEU B 37 5.00 -24.38 -8.93
C LEU B 37 4.14 -23.29 -9.56
N ASP B 38 2.87 -23.60 -9.78
CA ASP B 38 1.89 -22.63 -10.24
C ASP B 38 1.19 -21.98 -9.06
N VAL B 39 1.28 -20.65 -8.97
CA VAL B 39 0.52 -19.89 -7.98
C VAL B 39 -0.35 -18.86 -8.70
N VAL B 40 -1.66 -18.99 -8.52
CA VAL B 40 -2.62 -18.15 -9.24
C VAL B 40 -3.52 -17.38 -8.26
N VAL B 41 -3.67 -16.09 -8.52
CA VAL B 41 -4.56 -15.25 -7.73
C VAL B 41 -5.80 -14.89 -8.56
N PHE B 42 -6.97 -15.07 -7.97
CA PHE B 42 -8.24 -14.74 -8.60
C PHE B 42 -8.95 -13.59 -7.90
N PRO B 43 -8.66 -12.34 -8.32
CA PRO B 43 -9.34 -11.20 -7.73
C PRO B 43 -10.72 -10.97 -8.34
N VAL B 44 -11.48 -10.03 -7.77
CA VAL B 44 -12.74 -9.57 -8.36
C VAL B 44 -12.43 -8.93 -9.72
N SER B 45 -13.35 -9.11 -10.67
CA SER B 45 -13.17 -8.63 -12.05
C SER B 45 -12.69 -7.18 -12.15
N VAL B 46 -13.30 -6.29 -11.37
CA VAL B 46 -12.94 -4.86 -11.36
C VAL B 46 -11.61 -4.58 -10.65
N HIS B 47 -11.12 -5.57 -9.90
CA HIS B 47 -9.81 -5.47 -9.23
C HIS B 47 -8.68 -6.08 -10.05
N TYR B 48 -9.00 -6.73 -11.18
CA TYR B 48 -7.99 -7.47 -11.95
C TYR B 48 -6.78 -6.64 -12.37
N ASP B 49 -7.02 -5.49 -13.01
CA ASP B 49 -5.95 -4.61 -13.49
C ASP B 49 -5.04 -4.13 -12.35
N HIS B 50 -5.65 -3.75 -11.24
CA HIS B 50 -4.94 -3.31 -10.05
CA HIS B 50 -4.92 -3.31 -10.06
C HIS B 50 -4.10 -4.44 -9.45
N THR B 51 -4.67 -5.63 -9.41
CA THR B 51 -4.02 -6.82 -8.84
C THR B 51 -2.87 -7.33 -9.74
N ARG B 52 -3.11 -7.36 -11.05
CA ARG B 52 -2.11 -7.81 -12.02
C ARG B 52 -0.88 -6.90 -12.04
N LYS B 53 -1.12 -5.60 -11.86
CA LYS B 53 -0.04 -4.60 -11.84
C LYS B 53 0.81 -4.74 -10.58
N LEU B 54 0.15 -4.95 -9.44
CA LEU B 54 0.83 -5.08 -8.15
C LEU B 54 1.64 -6.38 -8.01
N LEU B 55 1.04 -7.49 -8.45
CA LEU B 55 1.67 -8.80 -8.34
C LEU B 55 2.77 -8.98 -9.38
N GLN B 56 3.94 -9.38 -8.91
CA GLN B 56 5.05 -9.73 -9.79
C GLN B 56 4.68 -10.95 -10.63
N SER B 57 5.29 -11.07 -11.82
CA SER B 57 4.86 -12.04 -12.84
C SER B 57 4.97 -13.52 -12.45
N LYS B 58 5.70 -13.81 -11.37
CA LYS B 58 5.78 -15.17 -10.83
C LYS B 58 4.39 -15.70 -10.45
N PHE B 59 3.53 -14.79 -9.99
CA PHE B 59 2.13 -15.10 -9.72
C PHE B 59 1.31 -15.01 -11.00
N SER B 60 0.61 -16.09 -11.33
CA SER B 60 -0.36 -16.07 -12.42
C SER B 60 -1.65 -15.39 -11.93
N THR B 61 -2.45 -14.92 -12.88
CA THR B 61 -3.71 -14.25 -12.54
C THR B 61 -4.87 -14.77 -13.38
N GLY B 62 -6.08 -14.65 -12.82
CA GLY B 62 -7.30 -15.07 -13.50
C GLY B 62 -8.55 -14.39 -12.97
N ILE B 63 -9.70 -14.79 -13.50
CA ILE B 63 -10.99 -14.28 -13.03
C ILE B 63 -11.87 -15.41 -12.47
N GLN B 64 -12.80 -15.02 -11.59
CA GLN B 64 -13.61 -15.99 -10.82
C GLN B 64 -14.77 -16.60 -11.61
N ASN B 65 -15.03 -16.05 -12.79
CA ASN B 65 -16.09 -16.52 -13.69
C ASN B 65 -15.84 -16.03 -15.11
N VAL B 66 -16.32 -16.79 -16.09
CA VAL B 66 -16.24 -16.41 -17.49
C VAL B 66 -17.56 -16.78 -18.18
N SER B 67 -17.97 -15.95 -19.15
CA SER B 67 -19.26 -16.14 -19.84
C SER B 67 -19.31 -17.42 -20.68
N LYS B 68 -20.51 -17.99 -20.78
CA LYS B 68 -20.78 -19.09 -21.71
C LYS B 68 -21.05 -18.53 -23.12
N PHE B 69 -21.29 -17.23 -23.20
CA PHE B 69 -21.52 -16.53 -24.46
C PHE B 69 -20.23 -15.86 -24.94
N GLY B 70 -20.13 -15.68 -26.26
CA GLY B 70 -19.05 -14.89 -26.84
C GLY B 70 -19.42 -13.42 -26.85
N ASN B 71 -18.65 -12.61 -27.58
CA ASN B 71 -18.95 -11.18 -27.72
C ASN B 71 -20.33 -10.94 -28.32
N GLY B 72 -21.06 -9.99 -27.74
CA GLY B 72 -22.39 -9.65 -28.22
C GLY B 72 -23.27 -8.96 -27.20
N SER B 73 -24.58 -9.02 -27.44
CA SER B 73 -25.57 -8.34 -26.60
C SER B 73 -25.86 -9.14 -25.34
N TYR B 74 -24.89 -9.15 -24.43
CA TYR B 74 -25.01 -9.85 -23.15
C TYR B 74 -24.51 -8.94 -22.04
N THR B 75 -25.37 -8.03 -21.61
CA THR B 75 -25.06 -7.03 -20.58
C THR B 75 -24.57 -7.69 -19.28
N GLY B 76 -23.43 -7.22 -18.79
CA GLY B 76 -22.86 -7.72 -17.53
C GLY B 76 -21.89 -8.88 -17.66
N GLU B 77 -21.72 -9.38 -18.88
CA GLU B 77 -20.89 -10.57 -19.13
C GLU B 77 -19.45 -10.25 -19.54
N VAL B 78 -18.55 -11.16 -19.18
CA VAL B 78 -17.16 -11.11 -19.61
C VAL B 78 -16.87 -12.36 -20.44
N SER B 79 -16.72 -12.18 -21.75
CA SER B 79 -16.46 -13.30 -22.65
C SER B 79 -15.02 -13.80 -22.56
N ALA B 80 -14.79 -15.00 -23.08
CA ALA B 80 -13.45 -15.58 -23.14
C ALA B 80 -12.55 -14.84 -24.13
N GLU B 81 -13.18 -14.30 -25.18
CA GLU B 81 -12.48 -13.48 -26.18
C GLU B 81 -11.90 -12.21 -25.55
N ILE B 82 -12.69 -11.56 -24.69
CA ILE B 82 -12.28 -10.36 -23.97
C ILE B 82 -11.16 -10.68 -22.97
N ALA B 83 -11.27 -11.80 -22.28
CA ALA B 83 -10.25 -12.26 -21.34
C ALA B 83 -8.92 -12.56 -22.04
N LYS B 84 -9.00 -13.13 -23.24
CA LYS B 84 -7.83 -13.43 -24.06
C LYS B 84 -7.09 -12.15 -24.47
N ASP B 85 -7.86 -11.12 -24.84
CA ASP B 85 -7.31 -9.82 -25.26
C ASP B 85 -6.57 -9.10 -24.12
N LEU B 86 -7.04 -9.31 -22.88
CA LEU B 86 -6.42 -8.73 -21.69
C LEU B 86 -5.31 -9.61 -21.09
N ASN B 87 -5.01 -10.72 -21.77
CA ASN B 87 -4.05 -11.72 -21.31
C ASN B 87 -4.35 -12.31 -19.93
N ILE B 88 -5.64 -12.50 -19.64
CA ILE B 88 -6.09 -13.19 -18.44
C ILE B 88 -5.83 -14.69 -18.65
N GLU B 89 -4.94 -15.25 -17.84
CA GLU B 89 -4.46 -16.61 -18.05
C GLU B 89 -5.45 -17.68 -17.58
N TYR B 90 -6.10 -17.45 -16.44
CA TYR B 90 -6.95 -18.46 -15.83
C TYR B 90 -8.40 -18.01 -15.62
N VAL B 91 -9.30 -18.99 -15.54
CA VAL B 91 -10.70 -18.77 -15.19
C VAL B 91 -11.16 -19.84 -14.19
N ILE B 92 -12.10 -19.46 -13.32
CA ILE B 92 -12.77 -20.43 -12.46
C ILE B 92 -14.14 -20.75 -13.08
N ILE B 93 -14.43 -22.04 -13.22
CA ILE B 93 -15.70 -22.50 -13.78
C ILE B 93 -16.37 -23.50 -12.83
N GLY B 94 -17.66 -23.30 -12.56
CA GLY B 94 -18.46 -24.25 -11.81
C GLY B 94 -18.30 -24.23 -10.30
N HIS B 95 -17.84 -23.11 -9.75
CA HIS B 95 -17.74 -22.95 -8.30
C HIS B 95 -19.11 -23.13 -7.68
N HIS B 96 -19.17 -23.85 -6.56
CA HIS B 96 -20.44 -24.24 -5.94
C HIS B 96 -21.35 -23.06 -5.58
N GLU B 97 -20.72 -21.91 -5.31
CA GLU B 97 -21.47 -20.69 -4.97
C GLU B 97 -22.26 -20.14 -6.15
N ARG B 98 -21.75 -20.35 -7.37
CA ARG B 98 -22.48 -19.98 -8.58
C ARG B 98 -23.53 -21.02 -8.94
N ARG B 99 -23.24 -22.29 -8.61
CA ARG B 99 -24.21 -23.38 -8.74
C ARG B 99 -25.36 -23.22 -7.75
N LYS B 100 -25.06 -22.64 -6.59
CA LYS B 100 -26.03 -22.48 -5.50
C LYS B 100 -26.90 -21.24 -5.63
N TYR B 101 -26.27 -20.10 -5.96
CA TYR B 101 -26.97 -18.81 -5.94
C TYR B 101 -27.33 -18.26 -7.32
N PHE B 102 -26.70 -18.79 -8.37
CA PHE B 102 -26.81 -18.18 -9.70
C PHE B 102 -27.26 -19.11 -10.84
N HIS B 103 -27.93 -20.20 -10.49
CA HIS B 103 -28.54 -21.13 -11.45
C HIS B 103 -27.55 -21.77 -12.44
N GLU B 104 -26.27 -21.80 -12.09
CA GLU B 104 -25.25 -22.38 -12.96
C GLU B 104 -25.33 -23.90 -12.95
N THR B 105 -25.48 -24.48 -14.15
CA THR B 105 -25.68 -25.91 -14.32
C THR B 105 -24.47 -26.59 -14.95
N ASP B 106 -24.52 -27.92 -15.05
CA ASP B 106 -23.47 -28.71 -15.69
C ASP B 106 -23.30 -28.35 -17.17
N GLU B 107 -24.40 -27.95 -17.82
CA GLU B 107 -24.35 -27.51 -19.21
C GLU B 107 -23.67 -26.14 -19.34
N ASP B 108 -23.92 -25.26 -18.38
CA ASP B 108 -23.25 -23.96 -18.33
C ASP B 108 -21.74 -24.14 -18.17
N VAL B 109 -21.37 -25.08 -17.30
CA VAL B 109 -19.97 -25.45 -17.07
C VAL B 109 -19.30 -25.93 -18.37
N ARG B 110 -19.98 -26.82 -19.10
CA ARG B 110 -19.50 -27.31 -20.39
C ARG B 110 -19.29 -26.17 -21.38
N GLU B 111 -20.30 -25.32 -21.53
CA GLU B 111 -20.25 -24.19 -22.46
C GLU B 111 -19.18 -23.17 -22.10
N LYS B 112 -18.96 -22.99 -20.80
CA LYS B 112 -17.90 -22.10 -20.31
C LYS B 112 -16.52 -22.66 -20.60
N LEU B 113 -16.36 -23.97 -20.44
CA LEU B 113 -15.08 -24.65 -20.69
C LEU B 113 -14.73 -24.64 -22.17
N GLN B 114 -15.71 -24.90 -23.02
CA GLN B 114 -15.51 -24.90 -24.47
C GLN B 114 -15.04 -23.52 -24.95
N ALA B 115 -15.69 -22.47 -24.45
CA ALA B 115 -15.34 -21.10 -24.80
C ALA B 115 -13.96 -20.70 -24.29
N SER B 116 -13.61 -21.17 -23.10
CA SER B 116 -12.31 -20.87 -22.48
C SER B 116 -11.15 -21.50 -23.24
N LEU B 117 -11.27 -22.79 -23.56
CA LEU B 117 -10.24 -23.53 -24.29
C LEU B 117 -10.13 -23.10 -25.76
N LYS B 118 -11.25 -22.61 -26.31
CA LYS B 118 -11.29 -22.06 -27.67
C LYS B 118 -10.43 -20.80 -27.78
N ASN B 119 -10.42 -20.01 -26.70
CA ASN B 119 -9.65 -18.76 -26.64
C ASN B 119 -8.35 -18.90 -25.84
N ASN B 120 -7.85 -20.14 -25.76
CA ASN B 120 -6.57 -20.47 -25.12
C ASN B 120 -6.44 -20.01 -23.66
N LEU B 121 -7.56 -20.04 -22.94
CA LEU B 121 -7.56 -19.78 -21.51
C LEU B 121 -7.47 -21.10 -20.77
N LYS B 122 -6.77 -21.09 -19.64
CA LYS B 122 -6.67 -22.27 -18.78
C LYS B 122 -7.77 -22.20 -17.73
N ALA B 123 -8.42 -23.34 -17.48
CA ALA B 123 -9.60 -23.36 -16.64
C ALA B 123 -9.43 -24.14 -15.33
N VAL B 124 -9.98 -23.59 -14.27
CA VAL B 124 -10.07 -24.24 -12.97
C VAL B 124 -11.52 -24.65 -12.77
N VAL B 125 -11.80 -25.94 -12.98
CA VAL B 125 -13.18 -26.44 -13.01
C VAL B 125 -13.56 -27.12 -11.70
N CYS B 126 -14.61 -26.60 -11.06
CA CYS B 126 -15.05 -27.05 -9.74
C CYS B 126 -16.26 -27.97 -9.79
N PHE B 127 -16.28 -28.94 -8.88
CA PHE B 127 -17.41 -29.87 -8.71
C PHE B 127 -17.40 -30.48 -7.31
N GLY B 128 -18.47 -31.18 -6.94
CA GLY B 128 -18.56 -31.82 -5.63
C GLY B 128 -19.99 -32.16 -5.22
N GLU B 129 -20.11 -33.05 -4.22
CA GLU B 129 -21.40 -33.56 -3.79
C GLU B 129 -21.84 -32.99 -2.44
N SER B 130 -23.16 -32.90 -2.25
CA SER B 130 -23.74 -32.37 -1.01
C SER B 130 -23.70 -33.39 0.12
N LEU B 131 -24.09 -32.96 1.33
CA LEU B 131 -24.15 -33.84 2.49
C LEU B 131 -25.18 -34.95 2.30
N GLU B 132 -26.34 -34.60 1.74
CA GLU B 132 -27.41 -35.55 1.45
C GLU B 132 -26.95 -36.62 0.45
N GLN B 133 -26.22 -36.17 -0.57
CA GLN B 133 -25.71 -37.06 -1.62
C GLN B 133 -24.65 -38.03 -1.11
N ARG B 134 -23.75 -37.55 -0.25
CA ARG B 134 -22.71 -38.39 0.34
C ARG B 134 -23.29 -39.43 1.31
N GLU B 135 -24.29 -39.02 2.09
CA GLU B 135 -24.96 -39.90 3.03
C GLU B 135 -25.81 -40.97 2.34
N GLN B 136 -26.25 -40.68 1.11
CA GLN B 136 -27.00 -41.62 0.30
C GLN B 136 -26.09 -42.47 -0.60
N ASN B 137 -24.78 -42.42 -0.31
CA ASN B 137 -23.75 -43.16 -1.06
C ASN B 137 -23.72 -42.84 -2.56
N LYS B 138 -23.90 -41.56 -2.88
CA LYS B 138 -23.96 -41.10 -4.26
C LYS B 138 -22.74 -40.27 -4.67
N THR B 139 -21.74 -40.23 -3.79
CA THR B 139 -20.51 -39.45 -4.03
C THR B 139 -19.90 -39.73 -5.40
N ILE B 140 -19.62 -41.00 -5.69
CA ILE B 140 -19.02 -41.40 -6.97
C ILE B 140 -19.96 -41.13 -8.15
N GLU B 141 -21.25 -41.46 -7.97
CA GLU B 141 -22.27 -41.23 -8.99
C GLU B 141 -22.37 -39.75 -9.40
N VAL B 142 -22.46 -38.88 -8.41
CA VAL B 142 -22.62 -37.44 -8.63
C VAL B 142 -21.38 -36.83 -9.31
N ILE B 143 -20.20 -37.14 -8.77
CA ILE B 143 -18.93 -36.62 -9.30
C ILE B 143 -18.66 -37.13 -10.72
N THR B 144 -18.98 -38.39 -10.99
CA THR B 144 -18.88 -38.96 -12.33
C THR B 144 -19.74 -38.18 -13.32
N LYS B 145 -20.98 -37.88 -12.93
CA LYS B 145 -21.90 -37.12 -13.76
C LYS B 145 -21.39 -35.70 -14.02
N GLN B 146 -20.88 -35.05 -12.98
CA GLN B 146 -20.36 -33.69 -13.06
C GLN B 146 -19.12 -33.59 -13.95
N VAL B 147 -18.21 -34.56 -13.81
CA VAL B 147 -16.99 -34.62 -14.62
C VAL B 147 -17.31 -34.94 -16.08
N LYS B 148 -18.18 -35.92 -16.31
CA LYS B 148 -18.59 -36.33 -17.67
C LYS B 148 -19.21 -35.19 -18.48
N ALA B 149 -19.77 -34.20 -17.80
CA ALA B 149 -20.40 -33.05 -18.44
C ALA B 149 -19.43 -32.22 -19.29
N PHE B 150 -18.15 -32.25 -18.93
CA PHE B 150 -17.15 -31.41 -19.59
C PHE B 150 -15.86 -32.11 -20.03
N VAL B 151 -15.61 -33.30 -19.50
CA VAL B 151 -14.28 -33.95 -19.60
C VAL B 151 -13.79 -34.25 -21.02
N ASP B 152 -14.71 -34.48 -21.94
CA ASP B 152 -14.39 -34.78 -23.34
C ASP B 152 -13.76 -33.60 -24.08
N LEU B 153 -13.99 -32.39 -23.57
CA LEU B 153 -13.49 -31.16 -24.18
C LEU B 153 -12.00 -30.94 -23.96
N ILE B 154 -11.44 -31.58 -22.94
CA ILE B 154 -10.03 -31.44 -22.58
C ILE B 154 -9.13 -32.12 -23.61
N ASP B 155 -8.30 -31.32 -24.28
CA ASP B 155 -7.31 -31.85 -25.24
C ASP B 155 -5.87 -31.64 -24.77
N ASN B 156 -5.70 -30.72 -23.83
CA ASN B 156 -4.42 -30.51 -23.15
C ASN B 156 -4.62 -30.61 -21.64
N PHE B 157 -4.07 -31.66 -21.04
CA PHE B 157 -4.32 -31.97 -19.63
C PHE B 157 -3.44 -31.20 -18.65
N ASP B 158 -2.69 -30.24 -19.16
CA ASP B 158 -1.97 -29.27 -18.33
C ASP B 158 -2.81 -28.00 -18.14
N ASN B 159 -3.68 -27.73 -19.12
CA ASN B 159 -4.45 -26.49 -19.16
C ASN B 159 -5.83 -26.55 -18.51
N VAL B 160 -6.23 -27.73 -18.06
CA VAL B 160 -7.47 -27.88 -17.29
C VAL B 160 -7.16 -28.43 -15.91
N ILE B 161 -7.59 -27.71 -14.88
CA ILE B 161 -7.29 -28.06 -13.49
C ILE B 161 -8.59 -28.31 -12.72
N LEU B 162 -8.72 -29.51 -12.19
CA LEU B 162 -9.95 -29.91 -11.47
C LEU B 162 -9.88 -29.52 -10.01
N VAL B 163 -11.05 -29.21 -9.44
CA VAL B 163 -11.17 -28.86 -8.02
C VAL B 163 -12.31 -29.63 -7.38
N TYR B 164 -12.00 -30.42 -6.35
CA TYR B 164 -13.03 -31.08 -5.57
C TYR B 164 -13.49 -30.19 -4.42
N GLU B 165 -14.77 -29.87 -4.41
CA GLU B 165 -15.38 -29.10 -3.35
C GLU B 165 -16.28 -30.00 -2.50
N PRO B 166 -15.80 -30.38 -1.30
CA PRO B 166 -16.61 -31.18 -0.38
C PRO B 166 -17.75 -30.35 0.23
N LEU B 167 -18.82 -30.18 -0.52
CA LEU B 167 -19.98 -29.38 -0.10
C LEU B 167 -20.59 -29.90 1.21
N TRP B 168 -20.43 -31.20 1.42
CA TRP B 168 -20.87 -31.88 2.65
C TRP B 168 -20.10 -31.41 3.88
N ALA B 169 -18.94 -30.80 3.67
CA ALA B 169 -18.11 -30.26 4.75
C ALA B 169 -18.03 -28.73 4.71
N ILE B 170 -18.81 -28.12 3.82
CA ILE B 170 -18.87 -26.66 3.69
C ILE B 170 -20.26 -26.16 4.09
N GLY B 171 -20.31 -25.40 5.18
CA GLY B 171 -21.58 -24.87 5.70
C GLY B 171 -22.24 -25.76 6.73
N THR B 172 -21.95 -27.06 6.66
CA THR B 172 -22.47 -28.03 7.62
C THR B 172 -21.59 -28.07 8.86
N GLY B 173 -21.97 -28.87 9.85
CA GLY B 173 -21.18 -29.03 11.07
C GLY B 173 -20.14 -30.12 10.96
N LYS B 174 -19.90 -30.61 9.74
CA LYS B 174 -19.01 -31.73 9.50
C LYS B 174 -17.71 -31.30 8.84
N THR B 175 -16.63 -32.02 9.15
CA THR B 175 -15.30 -31.69 8.61
C THR B 175 -14.68 -32.86 7.84
N ALA B 176 -13.94 -32.53 6.79
CA ALA B 176 -13.26 -33.53 5.98
C ALA B 176 -11.84 -33.79 6.50
N THR B 177 -11.54 -35.05 6.76
CA THR B 177 -10.18 -35.47 7.11
C THR B 177 -9.33 -35.50 5.83
N PRO B 178 -7.99 -35.36 5.96
CA PRO B 178 -7.11 -35.47 4.80
C PRO B 178 -7.26 -36.80 4.06
N GLU B 179 -7.55 -37.86 4.81
CA GLU B 179 -7.77 -39.20 4.26
CA GLU B 179 -7.76 -39.19 4.25
C GLU B 179 -9.05 -39.26 3.42
N GLN B 180 -10.07 -38.53 3.87
CA GLN B 180 -11.35 -38.45 3.17
C GLN B 180 -11.21 -37.65 1.87
N ALA B 181 -10.42 -36.57 1.92
CA ALA B 181 -10.12 -35.76 0.74
C ALA B 181 -9.35 -36.58 -0.30
N GLN B 182 -8.33 -37.30 0.18
CA GLN B 182 -7.51 -38.17 -0.67
C GLN B 182 -8.32 -39.26 -1.38
N LEU B 183 -9.26 -39.86 -0.65
CA LEU B 183 -10.10 -40.92 -1.20
CA LEU B 183 -10.11 -40.92 -1.18
C LEU B 183 -10.92 -40.43 -2.39
N VAL B 184 -11.49 -39.24 -2.27
CA VAL B 184 -12.28 -38.64 -3.35
C VAL B 184 -11.39 -38.26 -4.54
N HIS B 185 -10.23 -37.68 -4.26
CA HIS B 185 -9.24 -37.32 -5.28
C HIS B 185 -8.82 -38.53 -6.11
N LYS B 186 -8.64 -39.67 -5.44
CA LYS B 186 -8.32 -40.93 -6.09
C LYS B 186 -9.47 -41.39 -6.99
N GLU B 187 -10.70 -41.22 -6.52
CA GLU B 187 -11.90 -41.53 -7.30
C GLU B 187 -12.01 -40.65 -8.54
N ILE B 188 -11.72 -39.36 -8.38
CA ILE B 188 -11.74 -38.40 -9.49
C ILE B 188 -10.71 -38.80 -10.57
N ARG B 189 -9.50 -39.17 -10.13
CA ARG B 189 -8.45 -39.59 -11.06
C ARG B 189 -8.81 -40.90 -11.77
N LYS B 190 -9.55 -41.76 -11.09
CA LYS B 190 -10.05 -43.00 -11.69
C LYS B 190 -11.09 -42.71 -12.79
N ILE B 191 -11.95 -41.72 -12.53
CA ILE B 191 -12.96 -41.28 -13.50
C ILE B 191 -12.30 -40.77 -14.79
N VAL B 192 -11.24 -39.97 -14.64
CA VAL B 192 -10.46 -39.48 -15.77
C VAL B 192 -9.76 -40.64 -16.50
N LYS B 193 -9.27 -41.61 -15.73
CA LYS B 193 -8.62 -42.80 -16.28
C LYS B 193 -9.61 -43.67 -17.09
N ASP B 194 -10.80 -43.87 -16.54
CA ASP B 194 -11.85 -44.68 -17.17
C ASP B 194 -12.42 -44.05 -18.45
N THR B 195 -12.37 -42.72 -18.53
CA THR B 195 -13.02 -42.00 -19.62
C THR B 195 -12.04 -41.50 -20.69
N CYS B 196 -10.89 -41.01 -20.26
CA CYS B 196 -9.90 -40.43 -21.16
C CYS B 196 -8.70 -41.35 -21.39
N GLY B 197 -8.10 -41.82 -20.30
CA GLY B 197 -6.93 -42.69 -20.37
C GLY B 197 -6.02 -42.58 -19.16
N GLU B 198 -5.10 -43.54 -19.03
CA GLU B 198 -4.19 -43.61 -17.89
C GLU B 198 -3.16 -42.47 -17.87
N LYS B 199 -2.63 -42.14 -19.05
CA LYS B 199 -1.63 -41.08 -19.19
C LYS B 199 -2.23 -39.70 -18.91
N GLN B 200 -3.50 -39.53 -19.30
CA GLN B 200 -4.22 -38.27 -19.10
C GLN B 200 -4.60 -38.05 -17.63
N ALA B 201 -4.94 -39.14 -16.94
CA ALA B 201 -5.28 -39.09 -15.52
C ALA B 201 -4.08 -38.77 -14.63
N ASN B 202 -2.92 -39.34 -14.98
CA ASN B 202 -1.68 -39.10 -14.26
C ASN B 202 -1.08 -37.72 -14.54
N GLN B 203 -1.66 -37.01 -15.51
CA GLN B 203 -1.17 -35.70 -15.93
C GLN B 203 -1.96 -34.55 -15.30
N ILE B 204 -3.28 -34.75 -15.16
CA ILE B 204 -4.19 -33.69 -14.71
C ILE B 204 -4.06 -33.36 -13.22
N ARG B 205 -4.09 -32.06 -12.92
CA ARG B 205 -4.06 -31.59 -11.54
C ARG B 205 -5.45 -31.65 -10.92
N ILE B 206 -5.54 -32.21 -9.72
CA ILE B 206 -6.78 -32.24 -8.96
C ILE B 206 -6.56 -31.57 -7.61
N LEU B 207 -7.21 -30.42 -7.41
CA LEU B 207 -7.03 -29.60 -6.22
C LEU B 207 -8.11 -29.84 -5.19
N TYR B 208 -7.74 -29.70 -3.91
CA TYR B 208 -8.71 -29.73 -2.83
C TYR B 208 -9.31 -28.34 -2.64
N GLY B 209 -10.64 -28.25 -2.71
CA GLY B 209 -11.34 -26.98 -2.61
C GLY B 209 -12.18 -26.83 -1.35
N GLY B 210 -11.86 -27.62 -0.33
CA GLY B 210 -12.50 -27.48 0.98
C GLY B 210 -11.78 -26.46 1.84
N SER B 211 -12.02 -26.53 3.14
CA SER B 211 -11.41 -25.59 4.09
C SER B 211 -9.91 -25.82 4.21
N VAL B 212 -9.14 -24.87 3.68
CA VAL B 212 -7.68 -24.93 3.72
C VAL B 212 -7.12 -23.78 4.55
N ASN B 213 -6.22 -24.10 5.47
CA ASN B 213 -5.54 -23.11 6.30
C ASN B 213 -4.06 -23.46 6.49
N THR B 214 -3.34 -22.64 7.26
CA THR B 214 -1.92 -22.86 7.50
C THR B 214 -1.63 -24.12 8.33
N GLU B 215 -2.66 -24.62 9.01
CA GLU B 215 -2.52 -25.76 9.92
C GLU B 215 -2.72 -27.11 9.24
N ASN B 216 -3.60 -27.17 8.24
CA ASN B 216 -3.95 -28.43 7.58
C ASN B 216 -3.37 -28.62 6.18
N CYS B 217 -2.71 -27.60 5.65
CA CYS B 217 -2.24 -27.61 4.26
C CYS B 217 -1.16 -28.67 3.97
N SER B 218 -0.22 -28.83 4.90
CA SER B 218 0.87 -29.80 4.74
CA SER B 218 0.87 -29.80 4.74
C SER B 218 0.36 -31.24 4.73
N SER B 219 -0.62 -31.53 5.58
CA SER B 219 -1.21 -32.87 5.66
C SER B 219 -2.05 -33.21 4.43
N LEU B 220 -2.62 -32.18 3.81
CA LEU B 220 -3.43 -32.34 2.61
C LEU B 220 -2.59 -32.49 1.34
N ILE B 221 -1.54 -31.67 1.24
CA ILE B 221 -0.67 -31.66 0.04
C ILE B 221 0.19 -32.93 -0.09
N GLN B 222 0.42 -33.62 1.04
CA GLN B 222 1.24 -34.83 1.05
C GLN B 222 0.46 -36.09 0.66
N GLN B 223 -0.85 -35.95 0.50
CA GLN B 223 -1.69 -37.03 -0.01
C GLN B 223 -1.39 -37.26 -1.49
N GLU B 224 -1.30 -38.53 -1.88
CA GLU B 224 -0.85 -38.93 -3.22
C GLU B 224 -1.58 -38.26 -4.39
N ASP B 225 -2.89 -38.06 -4.24
CA ASP B 225 -3.72 -37.57 -5.35
C ASP B 225 -4.19 -36.12 -5.24
N ILE B 226 -3.71 -35.42 -4.20
CA ILE B 226 -4.00 -33.99 -4.03
C ILE B 226 -2.83 -33.16 -4.56
N ASP B 227 -3.10 -32.36 -5.60
CA ASP B 227 -2.05 -31.62 -6.31
C ASP B 227 -2.04 -30.12 -6.00
N GLY B 228 -2.74 -29.72 -4.95
CA GLY B 228 -2.83 -28.32 -4.57
C GLY B 228 -4.20 -27.93 -4.02
N PHE B 229 -4.46 -26.63 -3.98
CA PHE B 229 -5.69 -26.12 -3.36
C PHE B 229 -6.29 -24.94 -4.12
N LEU B 230 -7.60 -24.79 -3.99
CA LEU B 230 -8.28 -23.54 -4.29
C LEU B 230 -8.73 -22.96 -2.96
N VAL B 231 -7.99 -21.96 -2.47
CA VAL B 231 -8.14 -21.44 -1.12
C VAL B 231 -9.06 -20.22 -1.06
N GLY B 232 -10.03 -20.27 -0.14
CA GLY B 232 -10.96 -19.17 0.07
C GLY B 232 -10.49 -18.16 1.10
N ASN B 233 -11.05 -18.24 2.30
CA ASN B 233 -10.81 -17.27 3.37
C ASN B 233 -9.35 -17.03 3.76
N ALA B 234 -8.56 -18.10 3.75
CA ALA B 234 -7.15 -18.02 4.15
C ALA B 234 -6.26 -17.31 3.12
N SER B 235 -6.77 -17.17 1.90
CA SER B 235 -6.06 -16.45 0.84
C SER B 235 -6.23 -14.94 0.96
N LEU B 236 -7.10 -14.50 1.87
CA LEU B 236 -7.31 -13.08 2.15
C LEU B 236 -6.39 -12.59 3.26
N LYS B 237 -5.51 -13.48 3.72
CA LYS B 237 -4.55 -13.18 4.78
C LYS B 237 -3.12 -13.23 4.24
N GLU B 238 -2.23 -12.51 4.91
CA GLU B 238 -0.81 -12.48 4.52
C GLU B 238 -0.16 -13.85 4.73
N SER B 239 -0.70 -14.62 5.66
CA SER B 239 -0.20 -15.96 6.00
C SER B 239 -0.46 -17.00 4.91
N PHE B 240 -1.09 -16.58 3.81
CA PHE B 240 -1.33 -17.44 2.65
C PHE B 240 -0.02 -17.90 2.02
N VAL B 241 1.05 -17.15 2.25
CA VAL B 241 2.39 -17.51 1.78
C VAL B 241 2.88 -18.84 2.38
N ASP B 242 2.43 -19.14 3.60
CA ASP B 242 2.76 -20.40 4.27
C ASP B 242 2.04 -21.59 3.65
N ILE B 243 0.85 -21.34 3.09
CA ILE B 243 0.10 -22.37 2.36
C ILE B 243 0.81 -22.68 1.03
N ILE B 244 1.32 -21.65 0.39
CA ILE B 244 2.14 -21.80 -0.82
C ILE B 244 3.43 -22.57 -0.51
N LYS B 245 4.05 -22.24 0.61
CA LYS B 245 5.28 -22.91 1.08
C LYS B 245 5.13 -24.42 1.26
N SER B 246 3.94 -24.87 1.62
CA SER B 246 3.66 -26.29 1.83
C SER B 246 3.70 -27.11 0.53
N ALA B 247 3.47 -26.44 -0.60
CA ALA B 247 3.49 -27.10 -1.91
C ALA B 247 4.81 -26.88 -2.65
N MET B 248 5.72 -26.12 -2.03
CA MET B 248 7.04 -25.83 -2.61
C MET B 248 8.04 -26.95 -2.32
N ALA C 2 26.83 -14.53 -11.66
CA ALA C 2 26.82 -13.11 -12.13
C ALA C 2 26.42 -12.16 -11.00
N ARG C 3 27.03 -10.96 -10.99
CA ARG C 3 26.72 -9.96 -9.99
C ARG C 3 25.40 -9.25 -10.26
N LYS C 4 24.55 -9.22 -9.24
CA LYS C 4 23.25 -8.55 -9.30
C LYS C 4 23.46 -7.04 -9.16
N TYR C 5 22.95 -6.28 -10.11
CA TYR C 5 23.07 -4.82 -10.09
C TYR C 5 22.34 -4.18 -8.91
N PHE C 6 22.81 -3.00 -8.50
CA PHE C 6 22.35 -2.36 -7.28
C PHE C 6 22.21 -0.85 -7.51
N VAL C 7 20.96 -0.39 -7.64
CA VAL C 7 20.67 1.03 -7.87
C VAL C 7 20.03 1.65 -6.63
N ALA C 8 20.76 2.55 -5.99
CA ALA C 8 20.32 3.13 -4.71
C ALA C 8 19.96 4.61 -4.79
N ALA C 9 18.92 4.99 -4.06
CA ALA C 9 18.46 6.36 -3.97
C ALA C 9 18.77 6.94 -2.59
N ASN C 10 19.75 7.85 -2.54
CA ASN C 10 20.05 8.57 -1.31
C ASN C 10 19.38 9.95 -1.34
N TRP C 11 18.21 10.03 -0.72
CA TRP C 11 17.44 11.28 -0.68
C TRP C 11 18.08 12.36 0.20
N LYS C 12 19.04 11.94 1.03
CA LYS C 12 19.72 12.83 1.99
C LYS C 12 18.70 13.57 2.86
N CYS C 13 18.98 14.82 3.21
CA CYS C 13 18.04 15.59 4.05
C CYS C 13 17.03 16.34 3.18
N ASN C 14 16.13 15.59 2.56
CA ASN C 14 15.13 16.16 1.63
C ASN C 14 13.79 15.44 1.70
N GLY C 15 12.71 16.18 1.42
CA GLY C 15 11.40 15.57 1.27
C GLY C 15 10.32 16.09 2.19
N THR C 16 9.09 16.08 1.68
CA THR C 16 7.89 16.29 2.47
C THR C 16 6.98 15.09 2.22
N LEU C 17 5.91 14.96 3.02
CA LEU C 17 4.95 13.87 2.84
C LEU C 17 4.33 13.87 1.45
N GLU C 18 4.04 15.05 0.91
CA GLU C 18 3.46 15.20 -0.42
C GLU C 18 4.46 14.89 -1.53
N SER C 19 5.70 15.37 -1.38
CA SER C 19 6.75 15.13 -2.38
C SER C 19 7.13 13.65 -2.47
N ILE C 20 7.10 12.97 -1.32
CA ILE C 20 7.37 11.53 -1.26
C ILE C 20 6.20 10.73 -1.87
N LYS C 21 4.97 11.17 -1.59
CA LYS C 21 3.78 10.54 -2.16
C LYS C 21 3.81 10.58 -3.69
N SER C 22 4.17 11.75 -4.24
CA SER C 22 4.29 11.94 -5.69
C SER C 22 5.43 11.12 -6.27
N LEU C 23 6.57 11.11 -5.57
CA LEU C 23 7.78 10.43 -6.02
C LEU C 23 7.63 8.90 -6.01
N THR C 24 7.07 8.35 -4.93
CA THR C 24 6.85 6.91 -4.80
C THR C 24 5.82 6.38 -5.80
N ASN C 25 4.82 7.20 -6.12
CA ASN C 25 3.80 6.86 -7.11
C ASN C 25 4.40 6.65 -8.50
N SER C 26 5.31 7.53 -8.89
CA SER C 26 6.01 7.41 -10.17
C SER C 26 6.97 6.23 -10.18
N PHE C 27 7.64 6.00 -9.04
CA PHE C 27 8.54 4.86 -8.86
C PHE C 27 7.81 3.53 -9.00
N ASN C 28 6.65 3.42 -8.36
CA ASN C 28 5.84 2.20 -8.36
C ASN C 28 5.30 1.78 -9.74
N ASN C 29 5.27 2.73 -10.68
CA ASN C 29 4.79 2.47 -12.03
CA ASN C 29 4.79 2.47 -12.03
C ASN C 29 5.80 1.69 -12.86
N LEU C 30 7.07 1.72 -12.46
CA LEU C 30 8.13 1.02 -13.17
C LEU C 30 8.09 -0.48 -12.92
N ASP C 31 8.00 -1.24 -14.02
CA ASP C 31 8.01 -2.70 -13.94
C ASP C 31 9.43 -3.26 -14.00
N PHE C 32 9.84 -3.88 -12.89
CA PHE C 32 11.12 -4.59 -12.82
C PHE C 32 11.04 -5.78 -11.87
N ASP C 33 11.99 -6.71 -12.00
CA ASP C 33 12.04 -7.91 -11.18
C ASP C 33 13.09 -7.73 -10.07
N PRO C 34 12.62 -7.65 -8.80
CA PRO C 34 13.51 -7.48 -7.64
C PRO C 34 14.44 -8.66 -7.39
N SER C 35 14.13 -9.82 -7.96
CA SER C 35 15.01 -10.99 -7.85
C SER C 35 16.21 -10.88 -8.79
N LYS C 36 16.10 -10.01 -9.79
CA LYS C 36 17.17 -9.83 -10.79
C LYS C 36 17.93 -8.52 -10.61
N LEU C 37 17.28 -7.54 -9.98
CA LEU C 37 17.86 -6.20 -9.79
C LEU C 37 17.50 -5.62 -8.42
N ASP C 38 18.51 -5.14 -7.70
CA ASP C 38 18.31 -4.49 -6.41
C ASP C 38 18.08 -2.99 -6.60
N VAL C 39 16.94 -2.51 -6.11
CA VAL C 39 16.64 -1.08 -6.10
C VAL C 39 16.27 -0.66 -4.68
N VAL C 40 17.11 0.18 -4.08
CA VAL C 40 16.96 0.56 -2.68
C VAL C 40 16.76 2.07 -2.52
N VAL C 41 15.80 2.44 -1.68
CA VAL C 41 15.52 3.85 -1.40
C VAL C 41 15.86 4.15 0.06
N PHE C 42 16.62 5.23 0.26
CA PHE C 42 17.04 5.65 1.60
C PHE C 42 16.44 7.00 1.97
N PRO C 43 15.25 6.99 2.61
CA PRO C 43 14.64 8.24 3.08
C PRO C 43 15.21 8.69 4.42
N VAL C 44 14.83 9.89 4.84
CA VAL C 44 15.14 10.39 6.19
C VAL C 44 14.50 9.44 7.21
N SER C 45 15.15 9.29 8.37
CA SER C 45 14.69 8.39 9.43
C SER C 45 13.19 8.51 9.73
N VAL C 46 12.73 9.74 9.94
CA VAL C 46 11.32 10.01 10.27
C VAL C 46 10.38 9.83 9.08
N HIS C 47 10.95 9.72 7.88
CA HIS C 47 10.17 9.45 6.67
C HIS C 47 10.09 7.96 6.32
N TYR C 48 10.84 7.12 7.03
CA TYR C 48 10.97 5.71 6.68
C TYR C 48 9.65 4.94 6.63
N ASP C 49 8.87 5.01 7.71
CA ASP C 49 7.58 4.32 7.77
C ASP C 49 6.64 4.74 6.64
N HIS C 50 6.56 6.04 6.41
CA HIS C 50 5.77 6.62 5.32
C HIS C 50 6.23 6.10 3.95
N THR C 51 7.55 6.10 3.74
CA THR C 51 8.17 5.66 2.49
C THR C 51 8.02 4.15 2.25
N ARG C 52 8.21 3.36 3.30
CA ARG C 52 8.07 1.90 3.23
C ARG C 52 6.64 1.46 2.87
N LYS C 53 5.66 2.14 3.44
CA LYS C 53 4.25 1.84 3.19
C LYS C 53 3.84 2.18 1.75
N LEU C 54 4.35 3.29 1.25
CA LEU C 54 4.00 3.77 -0.10
C LEU C 54 4.67 2.97 -1.21
N LEU C 55 5.97 2.70 -1.05
CA LEU C 55 6.72 1.94 -2.03
C LEU C 55 6.32 0.47 -2.04
N GLN C 56 6.20 -0.10 -3.23
CA GLN C 56 5.88 -1.52 -3.39
C GLN C 56 7.08 -2.39 -3.02
N SER C 57 6.82 -3.68 -2.77
CA SER C 57 7.82 -4.63 -2.28
C SER C 57 9.06 -4.76 -3.14
N LYS C 58 8.92 -4.50 -4.44
CA LYS C 58 10.04 -4.56 -5.39
C LYS C 58 11.15 -3.59 -5.04
N PHE C 59 10.79 -2.46 -4.43
CA PHE C 59 11.75 -1.50 -3.91
C PHE C 59 12.16 -1.88 -2.50
N SER C 60 13.46 -2.08 -2.30
CA SER C 60 14.01 -2.28 -0.96
C SER C 60 14.17 -0.92 -0.30
N THR C 61 14.22 -0.91 1.03
CA THR C 61 14.37 0.34 1.78
C THR C 61 15.43 0.22 2.88
N GLY C 62 16.02 1.35 3.24
CA GLY C 62 17.01 1.42 4.31
C GLY C 62 17.13 2.80 4.91
N ILE C 63 18.03 2.94 5.88
CA ILE C 63 18.29 4.24 6.52
C ILE C 63 19.68 4.79 6.17
N GLN C 64 19.84 6.10 6.33
CA GLN C 64 21.02 6.82 5.86
C GLN C 64 22.20 6.78 6.83
N ASN C 65 21.93 6.32 8.06
CA ASN C 65 22.95 6.21 9.10
C ASN C 65 22.49 5.22 10.16
N VAL C 66 23.46 4.55 10.78
CA VAL C 66 23.19 3.64 11.90
C VAL C 66 24.23 3.91 13.00
N SER C 67 23.81 3.73 14.25
CA SER C 67 24.67 4.01 15.40
C SER C 67 25.82 3.02 15.52
N LYS C 68 26.96 3.51 16.02
CA LYS C 68 28.09 2.65 16.38
C LYS C 68 27.82 1.95 17.72
N PHE C 69 26.86 2.49 18.48
CA PHE C 69 26.46 1.92 19.76
C PHE C 69 25.24 1.00 19.61
N GLY C 70 25.09 0.07 20.54
CA GLY C 70 23.89 -0.74 20.66
C GLY C 70 22.81 0.00 21.42
N ASN C 71 21.84 -0.73 21.96
CA ASN C 71 20.81 -0.13 22.79
C ASN C 71 21.37 0.39 24.10
N GLY C 72 20.84 1.53 24.56
CA GLY C 72 21.30 2.15 25.80
C GLY C 72 21.14 3.66 25.83
N SER C 73 21.87 4.29 26.74
CA SER C 73 21.75 5.73 26.97
C SER C 73 22.54 6.54 25.94
N TYR C 74 21.99 6.62 24.73
CA TYR C 74 22.58 7.37 23.64
C TYR C 74 21.48 8.15 22.92
N THR C 75 21.09 9.28 23.51
CA THR C 75 20.02 10.14 23.01
C THR C 75 20.27 10.55 21.56
N GLY C 76 19.28 10.33 20.71
CA GLY C 76 19.34 10.72 19.30
C GLY C 76 19.87 9.65 18.36
N GLU C 77 20.21 8.48 18.90
CA GLU C 77 20.80 7.40 18.12
C GLU C 77 19.79 6.32 17.73
N VAL C 78 20.04 5.72 16.57
CA VAL C 78 19.27 4.57 16.08
C VAL C 78 20.22 3.37 15.99
N SER C 79 20.05 2.41 16.89
CA SER C 79 20.90 1.23 16.93
C SER C 79 20.56 0.23 15.82
N ALA C 80 21.52 -0.64 15.52
CA ALA C 80 21.34 -1.72 14.54
C ALA C 80 20.28 -2.73 15.00
N GLU C 81 20.19 -2.94 16.31
CA GLU C 81 19.21 -3.83 16.92
C GLU C 81 17.77 -3.32 16.72
N ILE C 82 17.60 -2.01 16.82
CA ILE C 82 16.30 -1.37 16.55
C ILE C 82 15.91 -1.52 15.09
N ALA C 83 16.88 -1.36 14.19
CA ALA C 83 16.67 -1.48 12.75
C ALA C 83 16.23 -2.89 12.33
N LYS C 84 16.85 -3.92 12.91
CA LYS C 84 16.52 -5.32 12.61
CA LYS C 84 16.51 -5.30 12.58
C LYS C 84 15.10 -5.66 13.07
N ASP C 85 14.71 -5.12 14.22
CA ASP C 85 13.38 -5.32 14.78
C ASP C 85 12.29 -4.70 13.88
N LEU C 86 12.63 -3.58 13.23
CA LEU C 86 11.73 -2.91 12.30
C LEU C 86 11.79 -3.48 10.88
N ASN C 87 12.66 -4.46 10.67
CA ASN C 87 12.92 -5.08 9.37
C ASN C 87 13.50 -4.12 8.33
N ILE C 88 14.23 -3.12 8.80
CA ILE C 88 15.01 -2.23 7.93
C ILE C 88 16.16 -3.05 7.34
N GLU C 89 16.16 -3.19 6.02
CA GLU C 89 17.09 -4.10 5.35
C GLU C 89 18.49 -3.53 5.15
N TYR C 90 18.57 -2.24 4.81
CA TYR C 90 19.84 -1.61 4.48
C TYR C 90 20.20 -0.44 5.37
N VAL C 91 21.51 -0.19 5.49
CA VAL C 91 22.04 0.99 6.18
C VAL C 91 23.17 1.62 5.35
N ILE C 92 23.27 2.95 5.38
CA ILE C 92 24.40 3.65 4.78
C ILE C 92 25.42 3.99 5.87
N ILE C 93 26.67 3.61 5.63
CA ILE C 93 27.76 3.89 6.55
C ILE C 93 28.90 4.60 5.83
N GLY C 94 29.47 5.61 6.48
CA GLY C 94 30.69 6.26 5.99
C GLY C 94 30.51 7.29 4.90
N HIS C 95 29.29 7.78 4.71
CA HIS C 95 29.04 8.82 3.71
C HIS C 95 29.89 10.05 4.03
N HIS C 96 30.46 10.64 2.99
CA HIS C 96 31.44 11.73 3.15
C HIS C 96 30.88 12.95 3.88
N GLU C 97 29.57 13.16 3.77
CA GLU C 97 28.88 14.26 4.45
C GLU C 97 28.90 14.08 5.97
N ARG C 98 28.88 12.84 6.44
CA ARG C 98 29.01 12.55 7.86
C ARG C 98 30.47 12.61 8.32
N ARG C 99 31.37 12.24 7.42
CA ARG C 99 32.81 12.38 7.66
C ARG C 99 33.22 13.85 7.70
N LYS C 100 32.54 14.68 6.90
CA LYS C 100 32.86 16.10 6.76
C LYS C 100 32.29 16.95 7.89
N TYR C 101 30.99 16.79 8.16
CA TYR C 101 30.29 17.67 9.11
C TYR C 101 30.09 17.09 10.51
N PHE C 102 30.24 15.77 10.65
CA PHE C 102 29.86 15.11 11.90
C PHE C 102 30.94 14.24 12.55
N HIS C 103 32.20 14.55 12.24
CA HIS C 103 33.36 13.91 12.87
C HIS C 103 33.45 12.38 12.73
N GLU C 104 32.75 11.83 11.74
CA GLU C 104 32.75 10.38 11.54
C GLU C 104 34.08 9.90 10.94
N THR C 105 34.71 8.96 11.63
CA THR C 105 36.05 8.47 11.25
C THR C 105 36.00 7.02 10.74
N ASP C 106 37.15 6.51 10.32
CA ASP C 106 37.29 5.13 9.86
C ASP C 106 36.95 4.11 10.95
N GLU C 107 37.28 4.44 12.19
CA GLU C 107 36.95 3.61 13.34
C GLU C 107 35.45 3.55 13.60
N ASP C 108 34.78 4.71 13.46
CA ASP C 108 33.33 4.79 13.54
C ASP C 108 32.68 3.91 12.48
N VAL C 109 33.18 3.99 11.25
CA VAL C 109 32.74 3.16 10.13
C VAL C 109 32.86 1.67 10.50
N ARG C 110 34.02 1.27 11.03
CA ARG C 110 34.26 -0.11 11.46
C ARG C 110 33.23 -0.58 12.48
N GLU C 111 33.01 0.22 13.52
CA GLU C 111 32.09 -0.12 14.60
C GLU C 111 30.63 -0.18 14.13
N LYS C 112 30.28 0.69 13.18
CA LYS C 112 28.94 0.70 12.59
C LYS C 112 28.67 -0.57 11.78
N LEU C 113 29.63 -0.97 10.95
CA LEU C 113 29.52 -2.19 10.15
C LEU C 113 29.46 -3.44 11.04
N GLN C 114 30.28 -3.43 12.10
CA GLN C 114 30.31 -4.52 13.06
C GLN C 114 28.93 -4.74 13.68
N ALA C 115 28.29 -3.66 14.12
CA ALA C 115 26.96 -3.70 14.71
C ALA C 115 25.89 -4.11 13.70
N SER C 116 26.03 -3.62 12.46
CA SER C 116 25.08 -3.92 11.39
C SER C 116 25.08 -5.39 10.99
N LEU C 117 26.25 -5.97 10.81
CA LEU C 117 26.40 -7.37 10.41
C LEU C 117 26.00 -8.33 11.53
N LYS C 118 26.28 -7.94 12.77
CA LYS C 118 25.87 -8.69 13.96
C LYS C 118 24.35 -8.81 14.02
N ASN C 119 23.66 -7.76 13.56
CA ASN C 119 22.21 -7.71 13.57
C ASN C 119 21.56 -8.00 12.21
N ASN C 120 22.28 -8.75 11.38
CA ASN C 120 21.79 -9.20 10.06
C ASN C 120 21.34 -8.10 9.10
N LEU C 121 21.91 -6.90 9.26
CA LEU C 121 21.62 -5.80 8.36
C LEU C 121 22.59 -5.80 7.18
N LYS C 122 22.10 -5.35 6.02
CA LYS C 122 22.94 -5.18 4.85
C LYS C 122 23.45 -3.74 4.81
N ALA C 123 24.74 -3.58 4.56
CA ALA C 123 25.38 -2.27 4.68
C ALA C 123 25.92 -1.72 3.37
N VAL C 124 25.66 -0.44 3.14
CA VAL C 124 26.18 0.30 2.00
C VAL C 124 27.29 1.22 2.51
N VAL C 125 28.54 0.79 2.35
CA VAL C 125 29.69 1.45 2.95
C VAL C 125 30.40 2.39 1.97
N CYS C 126 30.51 3.66 2.36
CA CYS C 126 31.05 4.72 1.51
C CYS C 126 32.47 5.14 1.88
N PHE C 127 33.27 5.43 0.85
CA PHE C 127 34.64 5.89 1.01
C PHE C 127 35.08 6.66 -0.25
N GLY C 128 36.22 7.35 -0.16
CA GLY C 128 36.76 8.09 -1.30
C GLY C 128 37.73 9.19 -0.92
N GLU C 129 38.56 9.59 -1.88
CA GLU C 129 39.62 10.56 -1.63
C GLU C 129 39.27 11.97 -2.13
N SER C 130 39.84 12.97 -1.47
CA SER C 130 39.64 14.39 -1.83
C SER C 130 40.53 14.81 -2.99
N LEU C 131 40.46 16.09 -3.36
CA LEU C 131 41.29 16.65 -4.43
C LEU C 131 42.76 16.74 -4.02
N GLU C 132 43.00 17.21 -2.81
CA GLU C 132 44.37 17.33 -2.26
C GLU C 132 45.07 15.98 -2.23
N GLN C 133 44.32 14.92 -1.93
CA GLN C 133 44.85 13.56 -1.87
C GLN C 133 45.10 12.98 -3.26
N ARG C 134 44.26 13.32 -4.23
CA ARG C 134 44.44 12.88 -5.62
C ARG C 134 45.59 13.62 -6.32
N GLU C 135 45.69 14.92 -6.09
CA GLU C 135 46.74 15.75 -6.69
C GLU C 135 48.13 15.36 -6.20
N GLN C 136 48.20 14.81 -4.98
CA GLN C 136 49.45 14.29 -4.42
C GLN C 136 49.67 12.81 -4.81
N ASN C 137 48.86 12.34 -5.75
CA ASN C 137 48.91 10.96 -6.26
C ASN C 137 48.80 9.91 -5.14
N LYS C 138 47.82 10.09 -4.26
CA LYS C 138 47.60 9.18 -3.14
C LYS C 138 46.19 8.58 -3.14
N THR C 139 45.61 8.44 -4.32
CA THR C 139 44.28 7.86 -4.50
C THR C 139 44.19 6.43 -3.95
N ILE C 140 45.11 5.57 -4.40
CA ILE C 140 45.15 4.17 -3.97
C ILE C 140 45.50 4.06 -2.49
N GLU C 141 46.40 4.92 -2.02
CA GLU C 141 46.82 4.97 -0.61
C GLU C 141 45.64 5.24 0.33
N VAL C 142 44.84 6.24 0.00
CA VAL C 142 43.68 6.64 0.81
C VAL C 142 42.57 5.59 0.76
N ILE C 143 42.23 5.13 -0.44
CA ILE C 143 41.20 4.11 -0.63
C ILE C 143 41.55 2.79 0.08
N THR C 144 42.82 2.38 0.02
CA THR C 144 43.29 1.18 0.72
C THR C 144 43.15 1.33 2.24
N LYS C 145 43.49 2.51 2.75
CA LYS C 145 43.35 2.81 4.18
C LYS C 145 41.89 2.76 4.62
N GLN C 146 41.02 3.34 3.79
CA GLN C 146 39.59 3.42 4.07
C GLN C 146 38.89 2.05 4.01
N VAL C 147 39.24 1.25 3.00
CA VAL C 147 38.65 -0.08 2.82
C VAL C 147 39.13 -1.07 3.89
N LYS C 148 40.45 -1.11 4.13
CA LYS C 148 41.04 -2.01 5.13
C LYS C 148 40.61 -1.70 6.57
N ALA C 149 39.93 -0.57 6.76
CA ALA C 149 39.40 -0.19 8.07
C ALA C 149 38.22 -1.07 8.49
N PHE C 150 37.53 -1.67 7.52
CA PHE C 150 36.31 -2.43 7.79
C PHE C 150 36.20 -3.78 7.04
N VAL C 151 37.01 -3.96 5.99
CA VAL C 151 36.84 -5.08 5.05
C VAL C 151 36.96 -6.49 5.68
N ASP C 152 37.73 -6.60 6.75
CA ASP C 152 37.95 -7.89 7.42
C ASP C 152 36.72 -8.37 8.21
N LEU C 153 35.78 -7.47 8.44
CA LEU C 153 34.57 -7.76 9.20
C LEU C 153 33.48 -8.46 8.38
N ILE C 154 33.58 -8.37 7.05
CA ILE C 154 32.56 -8.89 6.14
C ILE C 154 32.44 -10.41 6.24
N ASP C 155 31.26 -10.87 6.64
CA ASP C 155 30.97 -12.30 6.76
C ASP C 155 30.21 -12.85 5.55
N ASN C 156 29.40 -11.99 4.94
CA ASN C 156 28.63 -12.34 3.74
C ASN C 156 28.83 -11.25 2.69
N PHE C 157 29.33 -11.65 1.52
CA PHE C 157 29.68 -10.69 0.47
C PHE C 157 28.54 -10.34 -0.49
N ASP C 158 27.34 -10.80 -0.15
CA ASP C 158 26.10 -10.29 -0.76
C ASP C 158 25.55 -9.14 0.08
N ASN C 159 25.86 -9.19 1.38
CA ASN C 159 25.27 -8.28 2.36
C ASN C 159 26.03 -6.97 2.59
N VAL C 160 27.22 -6.86 2.00
CA VAL C 160 28.00 -5.62 2.06
C VAL C 160 28.23 -5.07 0.66
N ILE C 161 27.81 -3.83 0.46
CA ILE C 161 27.94 -3.15 -0.82
C ILE C 161 28.84 -1.93 -0.65
N LEU C 162 29.87 -1.83 -1.50
CA LEU C 162 30.83 -0.73 -1.41
C LEU C 162 30.46 0.42 -2.33
N VAL C 163 30.78 1.64 -1.90
CA VAL C 163 30.51 2.85 -2.69
C VAL C 163 31.75 3.73 -2.76
N TYR C 164 32.22 3.97 -3.98
CA TYR C 164 33.32 4.90 -4.20
C TYR C 164 32.80 6.32 -4.44
N GLU C 165 33.20 7.22 -3.55
CA GLU C 165 32.83 8.63 -3.64
C GLU C 165 34.02 9.50 -4.09
N PRO C 166 34.03 9.92 -5.36
CA PRO C 166 35.10 10.77 -5.87
C PRO C 166 35.00 12.21 -5.35
N LEU C 167 35.46 12.42 -4.11
CA LEU C 167 35.38 13.72 -3.45
C LEU C 167 36.17 14.80 -4.18
N TRP C 168 37.18 14.36 -4.95
CA TRP C 168 37.98 15.23 -5.80
C TRP C 168 37.16 15.85 -6.94
N ALA C 169 36.05 15.19 -7.29
CA ALA C 169 35.16 15.67 -8.35
C ALA C 169 33.87 16.28 -7.79
N ILE C 170 33.63 16.09 -6.49
CA ILE C 170 32.43 16.63 -5.83
C ILE C 170 32.69 18.06 -5.33
N GLY C 171 31.97 19.01 -5.92
CA GLY C 171 32.02 20.42 -5.51
C GLY C 171 33.38 21.08 -5.70
N THR C 172 34.12 20.65 -6.72
CA THR C 172 35.44 21.21 -7.02
C THR C 172 35.48 21.85 -8.41
N GLY C 173 34.46 21.54 -9.23
CA GLY C 173 34.38 22.04 -10.59
C GLY C 173 34.89 21.05 -11.63
N LYS C 174 35.50 19.98 -11.15
CA LYS C 174 36.05 18.93 -12.02
C LYS C 174 35.04 17.79 -12.22
N THR C 175 35.28 16.96 -13.23
CA THR C 175 34.33 15.90 -13.60
C THR C 175 35.01 14.54 -13.73
N ALA C 176 34.40 13.53 -13.11
CA ALA C 176 34.88 12.15 -13.20
C ALA C 176 34.25 11.42 -14.38
N THR C 177 35.08 10.71 -15.14
CA THR C 177 34.62 9.95 -16.32
C THR C 177 34.36 8.49 -15.95
N PRO C 178 33.54 7.78 -16.76
CA PRO C 178 33.26 6.36 -16.53
C PRO C 178 34.51 5.48 -16.37
N GLU C 179 35.55 5.76 -17.15
CA GLU C 179 36.80 4.99 -17.08
C GLU C 179 37.61 5.33 -15.83
N GLN C 180 37.61 6.60 -15.43
CA GLN C 180 38.27 7.04 -14.20
C GLN C 180 37.69 6.36 -12.97
N ALA C 181 36.36 6.19 -12.98
CA ALA C 181 35.66 5.44 -11.94
C ALA C 181 35.98 3.95 -12.02
N GLN C 182 35.95 3.41 -13.24
CA GLN C 182 36.25 1.99 -13.50
C GLN C 182 37.63 1.57 -12.97
N LEU C 183 38.64 2.40 -13.20
CA LEU C 183 40.01 2.11 -12.76
C LEU C 183 40.14 2.06 -11.24
N VAL C 184 39.43 2.95 -10.55
CA VAL C 184 39.39 2.94 -9.09
C VAL C 184 38.62 1.71 -8.59
N HIS C 185 37.46 1.46 -9.20
CA HIS C 185 36.63 0.28 -8.87
C HIS C 185 37.39 -1.03 -9.00
N LYS C 186 38.23 -1.13 -10.02
CA LYS C 186 39.09 -2.31 -10.22
C LYS C 186 40.10 -2.47 -9.09
N GLU C 187 40.65 -1.33 -8.64
CA GLU C 187 41.61 -1.32 -7.54
C GLU C 187 40.97 -1.69 -6.21
N ILE C 188 39.72 -1.28 -6.01
CA ILE C 188 38.95 -1.65 -4.81
C ILE C 188 38.72 -3.15 -4.78
N ARG C 189 38.34 -3.73 -5.92
CA ARG C 189 38.08 -5.16 -6.05
C ARG C 189 39.36 -5.97 -5.84
N LYS C 190 40.50 -5.42 -6.25
CA LYS C 190 41.81 -6.02 -6.02
C LYS C 190 42.14 -6.07 -4.53
N ILE C 191 41.81 -5.00 -3.80
CA ILE C 191 42.01 -4.94 -2.35
C ILE C 191 41.20 -6.03 -1.65
N VAL C 192 39.93 -6.18 -2.06
CA VAL C 192 39.05 -7.22 -1.52
C VAL C 192 39.60 -8.62 -1.85
N LYS C 193 40.18 -8.77 -3.04
CA LYS C 193 40.80 -10.03 -3.45
C LYS C 193 42.01 -10.40 -2.58
N ASP C 194 42.85 -9.40 -2.31
CA ASP C 194 44.10 -9.62 -1.58
C ASP C 194 43.90 -9.77 -0.07
N THR C 195 42.86 -9.16 0.47
CA THR C 195 42.57 -9.22 1.91
C THR C 195 41.61 -10.35 2.28
N CYS C 196 40.67 -10.66 1.37
CA CYS C 196 39.65 -11.66 1.65
C CYS C 196 39.78 -12.90 0.76
N GLY C 197 39.72 -12.70 -0.55
CA GLY C 197 39.83 -13.80 -1.51
C GLY C 197 39.21 -13.48 -2.86
N GLU C 198 39.48 -14.35 -3.84
CA GLU C 198 39.04 -14.15 -5.23
C GLU C 198 37.53 -14.22 -5.39
N LYS C 199 36.89 -15.21 -4.75
CA LYS C 199 35.44 -15.39 -4.81
C LYS C 199 34.72 -14.22 -4.13
N GLN C 200 35.27 -13.77 -3.01
CA GLN C 200 34.74 -12.63 -2.26
C GLN C 200 34.74 -11.35 -3.12
N ALA C 201 35.83 -11.14 -3.85
CA ALA C 201 35.99 -9.99 -4.74
C ALA C 201 35.06 -10.06 -5.96
N ASN C 202 34.87 -11.26 -6.48
CA ASN C 202 33.98 -11.48 -7.63
C ASN C 202 32.51 -11.35 -7.28
N GLN C 203 32.21 -11.43 -5.98
CA GLN C 203 30.86 -11.43 -5.46
C GLN C 203 30.38 -10.03 -5.04
N ILE C 204 31.30 -9.25 -4.46
CA ILE C 204 30.96 -7.96 -3.85
C ILE C 204 30.58 -6.87 -4.87
N ARG C 205 29.47 -6.20 -4.61
CA ARG C 205 29.01 -5.09 -5.44
C ARG C 205 29.76 -3.80 -5.08
N ILE C 206 30.29 -3.14 -6.10
CA ILE C 206 30.95 -1.84 -5.92
C ILE C 206 30.22 -0.79 -6.76
N LEU C 207 29.64 0.21 -6.08
CA LEU C 207 28.86 1.24 -6.73
C LEU C 207 29.63 2.54 -6.89
N TYR C 208 29.29 3.30 -7.93
CA TYR C 208 29.82 4.64 -8.13
C TYR C 208 28.96 5.65 -7.38
N GLY C 209 29.60 6.46 -6.54
CA GLY C 209 28.90 7.42 -5.69
C GLY C 209 29.18 8.88 -5.98
N GLY C 210 29.50 9.17 -7.25
CA GLY C 210 29.64 10.56 -7.70
C GLY C 210 28.34 11.07 -8.27
N SER C 211 28.43 12.09 -9.13
CA SER C 211 27.24 12.68 -9.77
C SER C 211 26.68 11.76 -10.85
N VAL C 212 25.53 11.15 -10.55
CA VAL C 212 24.85 10.25 -11.49
C VAL C 212 23.52 10.86 -11.91
N ASN C 213 23.33 11.02 -13.22
CA ASN C 213 22.06 11.48 -13.78
C ASN C 213 21.56 10.54 -14.88
N THR C 214 20.47 10.94 -15.55
CA THR C 214 19.86 10.12 -16.60
C THR C 214 20.71 10.02 -17.87
N GLU C 215 21.64 10.96 -18.04
CA GLU C 215 22.47 11.03 -19.24
C GLU C 215 23.76 10.23 -19.15
N ASN C 216 24.33 10.13 -17.95
CA ASN C 216 25.62 9.46 -17.76
C ASN C 216 25.56 8.06 -17.16
N CYS C 217 24.38 7.67 -16.67
CA CYS C 217 24.19 6.38 -15.99
C CYS C 217 24.51 5.16 -16.85
N SER C 218 24.16 5.22 -18.13
CA SER C 218 24.40 4.11 -19.07
C SER C 218 25.89 3.84 -19.30
N SER C 219 26.69 4.91 -19.42
CA SER C 219 28.13 4.78 -19.64
C SER C 219 28.86 4.31 -18.37
N LEU C 220 28.25 4.53 -17.22
CA LEU C 220 28.80 4.11 -15.93
C LEU C 220 28.50 2.64 -15.64
N ILE C 221 27.24 2.24 -15.82
CA ILE C 221 26.78 0.88 -15.53
C ILE C 221 27.41 -0.18 -16.46
N GLN C 222 27.81 0.24 -17.66
CA GLN C 222 28.40 -0.67 -18.63
C GLN C 222 29.86 -1.04 -18.31
N GLN C 223 30.48 -0.26 -17.42
CA GLN C 223 31.84 -0.54 -16.99
C GLN C 223 31.90 -1.83 -16.17
N GLU C 224 32.91 -2.65 -16.46
CA GLU C 224 33.04 -4.00 -15.91
C GLU C 224 32.93 -4.09 -14.39
N ASP C 225 33.59 -3.16 -13.69
CA ASP C 225 33.68 -3.21 -12.23
C ASP C 225 32.74 -2.23 -11.50
N ILE C 226 31.85 -1.59 -12.26
CA ILE C 226 30.81 -0.72 -11.67
C ILE C 226 29.47 -1.46 -11.67
N ASP C 227 29.01 -1.81 -10.48
CA ASP C 227 27.83 -2.66 -10.31
C ASP C 227 26.54 -1.88 -10.02
N GLY C 228 26.62 -0.56 -10.10
CA GLY C 228 25.47 0.31 -9.83
C GLY C 228 25.87 1.67 -9.32
N PHE C 229 24.93 2.38 -8.70
CA PHE C 229 25.18 3.73 -8.20
C PHE C 229 24.51 4.02 -6.86
N LEU C 230 25.11 4.93 -6.09
CA LEU C 230 24.43 5.60 -5.00
C LEU C 230 24.08 7.00 -5.46
N VAL C 231 22.84 7.18 -5.90
CA VAL C 231 22.40 8.42 -6.56
C VAL C 231 21.91 9.47 -5.56
N GLY C 232 22.36 10.71 -5.76
CA GLY C 232 21.98 11.82 -4.89
C GLY C 232 20.80 12.63 -5.38
N ASN C 233 21.08 13.79 -5.97
CA ASN C 233 20.04 14.73 -6.40
C ASN C 233 19.05 14.20 -7.43
N ALA C 234 19.54 13.36 -8.35
CA ALA C 234 18.70 12.80 -9.41
C ALA C 234 17.69 11.76 -8.93
N SER C 235 17.86 11.29 -7.69
CA SER C 235 16.92 10.35 -7.08
C SER C 235 15.71 11.06 -6.47
N LEU C 236 15.75 12.38 -6.43
CA LEU C 236 14.64 13.20 -5.92
C LEU C 236 13.67 13.59 -7.04
N LYS C 237 13.96 13.12 -8.25
CA LYS C 237 13.15 13.39 -9.43
C LYS C 237 12.44 12.14 -9.89
N GLU C 238 11.31 12.31 -10.58
CA GLU C 238 10.57 11.19 -11.16
C GLU C 238 11.40 10.44 -12.19
N SER C 239 12.32 11.16 -12.84
CA SER C 239 13.21 10.60 -13.86
C SER C 239 14.27 9.64 -13.31
N PHE C 240 14.24 9.39 -12.00
CA PHE C 240 15.11 8.38 -11.38
C PHE C 240 14.82 6.99 -11.94
N VAL C 241 13.59 6.78 -12.40
CA VAL C 241 13.20 5.52 -13.05
C VAL C 241 14.03 5.21 -14.31
N ASP C 242 14.46 6.27 -15.01
CA ASP C 242 15.32 6.14 -16.18
C ASP C 242 16.73 5.67 -15.81
N ILE C 243 17.20 6.07 -14.63
CA ILE C 243 18.49 5.60 -14.10
C ILE C 243 18.40 4.11 -13.74
N ILE C 244 17.26 3.69 -13.18
CA ILE C 244 17.01 2.27 -12.90
C ILE C 244 16.95 1.47 -14.20
N LYS C 245 16.33 2.05 -15.22
CA LYS C 245 16.19 1.42 -16.54
C LYS C 245 17.54 1.11 -17.22
N SER C 246 18.56 1.90 -16.89
CA SER C 246 19.91 1.70 -17.44
C SER C 246 20.56 0.41 -16.96
N ALA C 247 20.12 -0.08 -15.81
CA ALA C 247 20.64 -1.32 -15.23
C ALA C 247 19.83 -2.55 -15.67
N MET C 248 18.72 -2.28 -16.38
CA MET C 248 17.81 -3.33 -16.84
C MET C 248 18.21 -3.90 -18.20
N ARG D 3 2.85 28.43 36.33
CA ARG D 3 3.42 27.70 35.15
C ARG D 3 2.80 26.32 34.98
N LYS D 4 2.76 25.87 33.73
CA LYS D 4 2.28 24.55 33.36
C LYS D 4 3.42 23.54 33.52
N TYR D 5 3.18 22.48 34.29
CA TYR D 5 4.21 21.45 34.51
C TYR D 5 4.49 20.63 33.25
N PHE D 6 5.69 20.07 33.18
CA PHE D 6 6.20 19.43 31.97
C PHE D 6 6.93 18.13 32.33
N VAL D 7 6.33 16.99 31.99
CA VAL D 7 6.94 15.69 32.25
C VAL D 7 7.29 15.01 30.93
N ALA D 8 8.59 14.77 30.71
CA ALA D 8 9.07 14.23 29.43
C ALA D 8 9.67 12.84 29.55
N ALA D 9 9.30 11.98 28.62
CA ALA D 9 9.84 10.63 28.52
C ALA D 9 10.93 10.58 27.45
N ASN D 10 12.19 10.55 27.90
CA ASN D 10 13.32 10.36 27.01
C ASN D 10 13.70 8.88 26.96
N TRP D 11 13.14 8.17 25.98
CA TRP D 11 13.39 6.74 25.82
C TRP D 11 14.82 6.43 25.38
N LYS D 12 15.52 7.45 24.89
CA LYS D 12 16.89 7.33 24.37
C LYS D 12 16.95 6.26 23.28
N CYS D 13 18.05 5.50 23.23
CA CYS D 13 18.18 4.45 22.21
C CYS D 13 17.67 3.11 22.75
N ASN D 14 16.34 3.01 22.90
CA ASN D 14 15.70 1.83 23.46
C ASN D 14 14.34 1.55 22.86
N GLY D 15 13.96 0.28 22.83
CA GLY D 15 12.62 -0.12 22.43
C GLY D 15 12.53 -1.05 21.23
N THR D 16 11.51 -1.89 21.24
CA THR D 16 11.13 -2.70 20.10
C THR D 16 9.68 -2.36 19.75
N LEU D 17 9.20 -2.84 18.61
CA LEU D 17 7.80 -2.64 18.22
C LEU D 17 6.85 -3.25 19.27
N GLU D 18 7.22 -4.42 19.78
CA GLU D 18 6.42 -5.13 20.79
C GLU D 18 6.41 -4.41 22.15
N SER D 19 7.59 -3.97 22.61
CA SER D 19 7.71 -3.29 23.90
C SER D 19 7.00 -1.93 23.92
N ILE D 20 7.05 -1.22 22.80
CA ILE D 20 6.34 0.06 22.65
C ILE D 20 4.82 -0.15 22.69
N LYS D 21 4.34 -1.20 22.03
CA LYS D 21 2.93 -1.59 22.07
C LYS D 21 2.44 -1.82 23.50
N SER D 22 3.25 -2.51 24.30
CA SER D 22 2.91 -2.78 25.70
C SER D 22 2.99 -1.52 26.55
N LEU D 23 4.04 -0.73 26.35
CA LEU D 23 4.27 0.48 27.16
C LEU D 23 3.26 1.59 26.89
N THR D 24 2.97 1.84 25.61
CA THR D 24 1.99 2.87 25.23
C THR D 24 0.59 2.54 25.75
N ASN D 25 0.24 1.25 25.74
CA ASN D 25 -1.04 0.77 26.27
C ASN D 25 -1.22 1.10 27.75
N SER D 26 -0.17 0.88 28.55
CA SER D 26 -0.16 1.20 29.97
C SER D 26 -0.25 2.70 30.21
N PHE D 27 0.45 3.47 29.38
CA PHE D 27 0.44 4.94 29.44
C PHE D 27 -0.95 5.49 29.18
N ASN D 28 -1.64 4.91 28.20
CA ASN D 28 -3.00 5.32 27.82
C ASN D 28 -4.04 5.13 28.92
N ASN D 29 -3.78 4.22 29.84
CA ASN D 29 -4.66 3.96 30.97
C ASN D 29 -4.69 5.10 31.99
N LEU D 30 -3.65 5.92 31.99
CA LEU D 30 -3.59 7.09 32.87
C LEU D 30 -4.45 8.23 32.34
N ASP D 31 -5.37 8.69 33.18
CA ASP D 31 -6.21 9.83 32.85
C ASP D 31 -5.56 11.13 33.32
N PHE D 32 -5.22 11.99 32.36
CA PHE D 32 -4.68 13.32 32.67
C PHE D 32 -5.25 14.40 31.74
N ASP D 33 -5.14 15.65 32.17
CA ASP D 33 -5.62 16.80 31.41
C ASP D 33 -4.44 17.54 30.78
N PRO D 34 -4.24 17.38 29.45
CA PRO D 34 -3.15 18.03 28.73
C PRO D 34 -3.22 19.56 28.67
N SER D 35 -4.34 20.14 29.08
CA SER D 35 -4.45 21.60 29.20
C SER D 35 -3.85 22.09 30.51
N LYS D 36 -3.72 21.18 31.47
CA LYS D 36 -3.17 21.49 32.79
C LYS D 36 -1.69 21.16 32.91
N LEU D 37 -1.25 20.12 32.21
CA LEU D 37 0.17 19.73 32.20
C LEU D 37 0.59 19.13 30.86
N ASP D 38 1.85 19.33 30.50
CA ASP D 38 2.41 18.74 29.29
C ASP D 38 3.08 17.41 29.59
N VAL D 39 2.67 16.36 28.88
CA VAL D 39 3.31 15.05 28.95
C VAL D 39 3.80 14.68 27.55
N VAL D 40 5.12 14.61 27.40
CA VAL D 40 5.74 14.41 26.08
C VAL D 40 6.61 13.15 26.05
N VAL D 41 6.40 12.33 25.02
CA VAL D 41 7.19 11.12 24.83
C VAL D 41 8.14 11.29 23.64
N PHE D 42 9.42 10.99 23.87
CA PHE D 42 10.46 11.11 22.85
C PHE D 42 11.01 9.74 22.46
N PRO D 43 10.41 9.10 21.44
CA PRO D 43 10.93 7.82 20.96
C PRO D 43 12.09 8.00 19.99
N VAL D 44 12.72 6.89 19.60
CA VAL D 44 13.70 6.88 18.52
C VAL D 44 13.01 7.35 17.24
N SER D 45 13.74 8.07 16.39
CA SER D 45 13.19 8.66 15.17
C SER D 45 12.37 7.68 14.33
N VAL D 46 12.90 6.47 14.15
CA VAL D 46 12.22 5.42 13.36
C VAL D 46 11.04 4.78 14.10
N HIS D 47 10.91 5.07 15.40
CA HIS D 47 9.78 4.61 16.20
C HIS D 47 8.67 5.66 16.30
N TYR D 48 8.92 6.86 15.78
CA TYR D 48 8.01 7.99 15.99
C TYR D 48 6.58 7.75 15.52
N ASP D 49 6.41 7.37 14.26
CA ASP D 49 5.08 7.12 13.68
C ASP D 49 4.33 6.04 14.45
N HIS D 50 5.03 4.94 14.74
CA HIS D 50 4.50 3.83 15.52
C HIS D 50 4.03 4.28 16.90
N THR D 51 4.88 5.05 17.59
CA THR D 51 4.59 5.57 18.92
C THR D 51 3.45 6.58 18.92
N ARG D 52 3.45 7.48 17.93
CA ARG D 52 2.40 8.50 17.77
C ARG D 52 1.02 7.86 17.55
N LYS D 53 0.98 6.79 16.76
CA LYS D 53 -0.24 6.04 16.50
C LYS D 53 -0.79 5.38 17.76
N LEU D 54 0.10 4.74 18.52
CA LEU D 54 -0.31 3.96 19.70
C LEU D 54 -0.67 4.83 20.90
N LEU D 55 -0.04 5.98 21.03
CA LEU D 55 -0.34 6.92 22.11
C LEU D 55 -1.59 7.73 21.80
N GLN D 56 -2.45 7.92 22.81
CA GLN D 56 -3.65 8.74 22.67
C GLN D 56 -3.29 10.22 22.51
N SER D 57 -4.24 10.98 21.97
CA SER D 57 -4.04 12.40 21.62
C SER D 57 -3.64 13.31 22.78
N LYS D 58 -3.93 12.88 24.02
CA LYS D 58 -3.53 13.61 25.22
C LYS D 58 -2.01 13.72 25.38
N PHE D 59 -1.30 12.69 24.93
CA PHE D 59 0.16 12.67 24.95
C PHE D 59 0.74 13.49 23.81
N SER D 60 1.74 14.32 24.13
CA SER D 60 2.52 15.01 23.11
C SER D 60 3.71 14.13 22.72
N THR D 61 4.23 14.33 21.52
CA THR D 61 5.36 13.55 21.02
C THR D 61 6.43 14.43 20.39
N GLY D 62 7.67 13.97 20.44
CA GLY D 62 8.80 14.68 19.84
C GLY D 62 9.93 13.77 19.44
N ILE D 63 11.03 14.38 18.98
CA ILE D 63 12.24 13.62 18.61
C ILE D 63 13.45 14.05 19.44
N GLN D 64 14.41 13.13 19.58
CA GLN D 64 15.52 13.26 20.51
C GLN D 64 16.65 14.16 20.01
N ASN D 65 16.57 14.56 18.75
CA ASN D 65 17.58 15.42 18.12
C ASN D 65 17.01 16.06 16.86
N VAL D 66 17.57 17.22 16.50
CA VAL D 66 17.20 17.90 15.26
C VAL D 66 18.46 18.53 14.65
N SER D 67 18.49 18.63 13.32
CA SER D 67 19.67 19.12 12.61
C SER D 67 19.91 20.62 12.78
N LYS D 68 21.19 20.99 12.75
CA LYS D 68 21.57 22.40 12.70
C LYS D 68 21.43 22.95 11.28
N PHE D 69 21.45 22.03 10.30
CA PHE D 69 21.26 22.38 8.90
C PHE D 69 19.80 22.28 8.49
N GLY D 70 19.42 23.02 7.45
CA GLY D 70 18.11 22.88 6.82
C GLY D 70 18.15 21.77 5.78
N ASN D 71 17.17 21.78 4.88
CA ASN D 71 17.13 20.80 3.79
C ASN D 71 18.32 20.93 2.84
N GLY D 72 18.89 19.80 2.46
CA GLY D 72 20.03 19.77 1.54
C GLY D 72 20.85 18.51 1.62
N SER D 73 22.09 18.58 1.14
CA SER D 73 22.98 17.44 1.08
C SER D 73 23.66 17.15 2.42
N TYR D 74 22.87 16.61 3.35
CA TYR D 74 23.36 16.25 4.67
C TYR D 74 22.81 14.88 5.05
N THR D 75 23.49 13.83 4.55
CA THR D 75 23.07 12.45 4.77
C THR D 75 22.98 12.11 6.26
N GLY D 76 21.83 11.55 6.65
CA GLY D 76 21.60 11.12 8.03
C GLY D 76 20.90 12.15 8.91
N GLU D 77 20.69 13.35 8.38
CA GLU D 77 20.12 14.45 9.15
C GLU D 77 18.60 14.55 9.08
N VAL D 78 18.01 15.09 10.15
CA VAL D 78 16.58 15.41 10.20
C VAL D 78 16.43 16.90 10.47
N SER D 79 16.07 17.65 9.43
CA SER D 79 15.92 19.09 9.53
C SER D 79 14.67 19.49 10.30
N ALA D 80 14.65 20.72 10.79
CA ALA D 80 13.49 21.30 11.46
C ALA D 80 12.30 21.45 10.51
N GLU D 81 12.59 21.74 9.24
CA GLU D 81 11.57 21.87 8.18
CA GLU D 81 11.52 21.88 8.25
C GLU D 81 10.82 20.55 7.96
N ILE D 82 11.57 19.45 7.99
CA ILE D 82 11.00 18.11 7.81
C ILE D 82 10.13 17.74 9.02
N ALA D 83 10.62 18.04 10.21
CA ALA D 83 9.88 17.83 11.45
C ALA D 83 8.57 18.64 11.47
N LYS D 84 8.64 19.87 10.98
CA LYS D 84 7.48 20.77 10.89
C LYS D 84 6.39 20.20 9.97
N ASP D 85 6.81 19.67 8.82
CA ASP D 85 5.89 19.07 7.86
C ASP D 85 5.18 17.84 8.42
N LEU D 86 5.86 17.12 9.32
CA LEU D 86 5.26 15.95 9.99
C LEU D 86 4.52 16.33 11.27
N ASN D 87 4.50 17.64 11.58
CA ASN D 87 3.91 18.17 12.81
C ASN D 87 4.48 17.57 14.10
N ILE D 88 5.78 17.25 14.07
CA ILE D 88 6.50 16.84 15.27
C ILE D 88 6.61 18.08 16.16
N GLU D 89 5.94 18.02 17.32
CA GLU D 89 5.76 19.20 18.16
C GLU D 89 7.03 19.61 18.91
N TYR D 90 7.75 18.63 19.44
CA TYR D 90 8.90 18.91 20.29
C TYR D 90 10.22 18.35 19.74
N VAL D 91 11.32 18.99 20.13
CA VAL D 91 12.67 18.50 19.86
C VAL D 91 13.55 18.60 21.11
N ILE D 92 14.45 17.64 21.28
CA ILE D 92 15.49 17.73 22.31
C ILE D 92 16.77 18.28 21.67
N ILE D 93 17.32 19.33 22.29
CA ILE D 93 18.55 19.96 21.82
C ILE D 93 19.57 20.03 22.96
N GLY D 94 20.81 19.60 22.70
CA GLY D 94 21.90 19.78 23.63
C GLY D 94 22.04 18.76 24.74
N HIS D 95 21.40 17.60 24.60
CA HIS D 95 21.52 16.53 25.59
C HIS D 95 22.98 16.14 25.75
N HIS D 96 23.43 16.02 27.00
CA HIS D 96 24.84 15.80 27.32
C HIS D 96 25.49 14.62 26.60
N GLU D 97 24.67 13.62 26.26
CA GLU D 97 25.14 12.43 25.55
C GLU D 97 25.56 12.75 24.12
N ARG D 98 24.95 13.77 23.53
CA ARG D 98 25.37 14.25 22.22
C ARG D 98 26.56 15.19 22.34
N ARG D 99 26.63 15.90 23.45
CA ARG D 99 27.78 16.75 23.77
C ARG D 99 29.03 15.92 24.08
N LYS D 100 28.83 14.71 24.60
CA LYS D 100 29.93 13.83 25.02
C LYS D 100 30.43 12.90 23.92
N TYR D 101 29.50 12.24 23.23
CA TYR D 101 29.86 11.23 22.22
C TYR D 101 29.89 11.75 20.79
N PHE D 102 29.17 12.84 20.52
CA PHE D 102 28.96 13.28 19.14
C PHE D 102 29.39 14.71 18.80
N HIS D 103 30.29 15.26 19.62
CA HIS D 103 30.94 16.56 19.37
C HIS D 103 30.01 17.78 19.37
N GLU D 104 28.83 17.67 19.97
CA GLU D 104 27.87 18.76 19.97
C GLU D 104 28.29 19.90 20.91
N THR D 105 28.39 21.10 20.35
CA THR D 105 28.87 22.28 21.07
C THR D 105 27.75 23.28 21.37
N ASP D 106 28.07 24.33 22.12
CA ASP D 106 27.12 25.41 22.41
C ASP D 106 26.64 26.11 21.13
N GLU D 107 27.54 26.26 20.17
CA GLU D 107 27.22 26.86 18.88
C GLU D 107 26.26 25.97 18.08
N ASP D 108 26.46 24.65 18.15
CA ASP D 108 25.56 23.69 17.53
C ASP D 108 24.16 23.80 18.14
N VAL D 109 24.11 23.91 19.46
CA VAL D 109 22.86 24.10 20.21
C VAL D 109 22.13 25.36 19.74
N ARG D 110 22.88 26.45 19.58
CA ARG D 110 22.33 27.71 19.06
C ARG D 110 21.72 27.53 17.67
N GLU D 111 22.49 26.91 16.77
CA GLU D 111 22.05 26.70 15.39
C GLU D 111 20.83 25.78 15.31
N LYS D 112 20.77 24.79 16.20
CA LYS D 112 19.63 23.89 16.30
C LYS D 112 18.36 24.61 16.78
N LEU D 113 18.51 25.45 17.81
CA LEU D 113 17.38 26.21 18.35
C LEU D 113 16.87 27.23 17.34
N GLN D 114 17.80 27.87 16.64
CA GLN D 114 17.47 28.84 15.60
CA GLN D 114 17.47 28.84 15.60
C GLN D 114 16.59 28.21 14.52
N ALA D 115 17.02 27.04 14.04
CA ALA D 115 16.28 26.30 13.01
C ALA D 115 14.93 25.82 13.51
N SER D 116 14.89 25.37 14.76
CA SER D 116 13.68 24.82 15.38
C SER D 116 12.58 25.89 15.56
N LEU D 117 12.95 27.04 16.10
CA LEU D 117 12.00 28.13 16.34
C LEU D 117 11.58 28.83 15.05
N LYS D 118 12.47 28.84 14.06
CA LYS D 118 12.18 29.37 12.73
C LYS D 118 11.08 28.54 12.06
N ASN D 119 11.06 27.24 12.37
CA ASN D 119 10.07 26.32 11.82
C ASN D 119 8.96 25.97 12.82
N ASN D 120 8.75 26.86 13.78
CA ASN D 120 7.65 26.78 14.76
C ASN D 120 7.61 25.46 15.57
N LEU D 121 8.79 24.90 15.82
CA LEU D 121 8.91 23.74 16.70
C LEU D 121 9.14 24.20 18.14
N LYS D 122 8.68 23.39 19.08
CA LYS D 122 8.96 23.64 20.50
C LYS D 122 10.21 22.88 20.89
N ALA D 123 11.05 23.50 21.71
CA ALA D 123 12.37 22.93 22.01
C ALA D 123 12.60 22.66 23.48
N VAL D 124 13.21 21.50 23.74
CA VAL D 124 13.65 21.10 25.07
C VAL D 124 15.18 21.18 25.06
N VAL D 125 15.71 22.26 25.63
CA VAL D 125 17.14 22.55 25.56
C VAL D 125 17.87 22.13 26.83
N CYS D 126 18.92 21.32 26.67
CA CYS D 126 19.67 20.75 27.79
C CYS D 126 21.04 21.40 27.96
N PHE D 127 21.44 21.59 29.23
CA PHE D 127 22.75 22.09 29.59
C PHE D 127 23.14 21.62 31.00
N GLY D 128 24.33 21.99 31.46
CA GLY D 128 24.81 21.61 32.79
C GLY D 128 26.32 21.53 32.87
N GLU D 129 26.84 21.68 34.08
CA GLU D 129 28.29 21.71 34.32
C GLU D 129 28.85 20.34 34.70
N SER D 130 30.12 20.10 34.35
CA SER D 130 30.79 18.85 34.65
C SER D 130 31.30 18.81 36.09
N LEU D 131 31.89 17.67 36.49
CA LEU D 131 32.45 17.50 37.83
C LEU D 131 33.63 18.45 38.07
N GLU D 132 34.54 18.50 37.09
CA GLU D 132 35.71 19.37 37.17
C GLU D 132 35.33 20.85 37.24
N GLN D 133 34.22 21.22 36.58
CA GLN D 133 33.72 22.59 36.60
C GLN D 133 33.08 22.94 37.94
N ARG D 134 32.38 21.99 38.55
CA ARG D 134 31.76 22.18 39.86
C ARG D 134 32.80 22.21 40.98
N GLU D 135 33.79 21.32 40.89
CA GLU D 135 34.89 21.27 41.86
C GLU D 135 35.75 22.54 41.83
N GLN D 136 35.76 23.22 40.68
CA GLN D 136 36.45 24.50 40.53
C GLN D 136 35.55 25.69 40.87
N ASN D 137 34.33 25.38 41.35
CA ASN D 137 33.32 26.39 41.72
C ASN D 137 32.92 27.32 40.57
N LYS D 138 32.75 26.74 39.39
CA LYS D 138 32.42 27.51 38.18
C LYS D 138 30.99 27.26 37.70
N THR D 139 30.16 26.69 38.58
CA THR D 139 28.77 26.32 38.26
C THR D 139 27.97 27.47 37.63
N ILE D 140 27.93 28.62 38.30
CA ILE D 140 27.19 29.78 37.80
C ILE D 140 27.77 30.30 36.48
N GLU D 141 29.10 30.38 36.40
CA GLU D 141 29.79 30.86 35.21
C GLU D 141 29.51 29.98 33.97
N VAL D 142 29.58 28.67 34.16
CA VAL D 142 29.37 27.71 33.07
C VAL D 142 27.93 27.74 32.55
N ILE D 143 26.97 27.68 33.48
CA ILE D 143 25.55 27.71 33.12
C ILE D 143 25.14 29.02 32.45
N THR D 144 25.66 30.14 32.96
CA THR D 144 25.43 31.45 32.36
C THR D 144 25.88 31.48 30.90
N LYS D 145 27.10 30.98 30.65
CA LYS D 145 27.66 30.92 29.30
C LYS D 145 26.90 29.98 28.39
N GLN D 146 26.43 28.86 28.93
CA GLN D 146 25.65 27.88 28.17
C GLN D 146 24.27 28.42 27.79
N VAL D 147 23.60 29.07 28.75
CA VAL D 147 22.30 29.69 28.51
C VAL D 147 22.43 30.88 27.53
N LYS D 148 23.45 31.72 27.74
CA LYS D 148 23.69 32.88 26.87
C LYS D 148 24.04 32.52 25.43
N ALA D 149 24.35 31.25 25.19
CA ALA D 149 24.65 30.76 23.85
C ALA D 149 23.41 30.72 22.94
N PHE D 150 22.23 30.59 23.56
CA PHE D 150 20.99 30.41 22.80
C PHE D 150 19.81 31.31 23.21
N VAL D 151 19.87 31.85 24.43
CA VAL D 151 18.72 32.49 25.09
C VAL D 151 18.05 33.63 24.28
N ASP D 152 18.83 34.32 23.46
CA ASP D 152 18.32 35.44 22.66
C ASP D 152 17.33 35.03 21.57
N LEU D 153 17.41 33.76 21.15
CA LEU D 153 16.56 33.24 20.09
C LEU D 153 15.12 32.99 20.53
N ILE D 154 14.92 32.85 21.84
CA ILE D 154 13.59 32.58 22.41
C ILE D 154 12.66 33.78 22.21
N ASP D 155 11.61 33.56 21.41
CA ASP D 155 10.57 34.57 21.23
C ASP D 155 9.37 34.30 22.14
N ASN D 156 8.94 33.04 22.19
CA ASN D 156 7.84 32.61 23.05
C ASN D 156 8.37 31.73 24.18
N PHE D 157 8.15 32.16 25.41
CA PHE D 157 8.72 31.50 26.59
C PHE D 157 7.86 30.35 27.14
N ASP D 158 6.78 30.03 26.42
CA ASP D 158 6.03 28.79 26.66
C ASP D 158 6.60 27.67 25.79
N ASN D 159 7.25 28.05 24.69
CA ASN D 159 7.68 27.12 23.65
C ASN D 159 9.12 26.60 23.78
N VAL D 160 9.91 27.25 24.62
CA VAL D 160 11.26 26.77 24.93
C VAL D 160 11.32 26.32 26.38
N ILE D 161 11.74 25.08 26.59
CA ILE D 161 11.78 24.46 27.91
C ILE D 161 13.22 24.06 28.25
N LEU D 162 13.71 24.54 29.39
CA LEU D 162 15.09 24.31 29.81
C LEU D 162 15.23 23.05 30.66
N VAL D 163 16.35 22.36 30.52
CA VAL D 163 16.64 21.16 31.28
C VAL D 163 18.04 21.22 31.89
N TYR D 164 18.11 21.18 33.22
CA TYR D 164 19.40 21.13 33.91
C TYR D 164 19.84 19.69 34.13
N GLU D 165 20.97 19.35 33.51
CA GLU D 165 21.59 18.03 33.68
C GLU D 165 22.81 18.15 34.60
N PRO D 166 22.72 17.60 35.83
CA PRO D 166 23.85 17.60 36.75
C PRO D 166 24.93 16.59 36.35
N LEU D 167 25.74 16.96 35.37
CA LEU D 167 26.79 16.07 34.83
C LEU D 167 27.80 15.69 35.90
N TRP D 168 27.98 16.57 36.87
CA TRP D 168 28.88 16.34 38.01
C TRP D 168 28.44 15.16 38.88
N ALA D 169 27.18 14.74 38.73
CA ALA D 169 26.62 13.64 39.51
C ALA D 169 26.32 12.39 38.66
N ILE D 170 26.38 12.55 37.34
CA ILE D 170 26.11 11.43 36.42
C ILE D 170 27.36 10.56 36.23
N GLY D 171 27.36 9.40 36.89
CA GLY D 171 28.44 8.43 36.81
C GLY D 171 29.78 8.90 37.38
N THR D 172 29.73 9.56 38.53
CA THR D 172 30.93 10.12 39.17
C THR D 172 31.09 9.66 40.62
N GLY D 173 30.01 9.20 41.23
CA GLY D 173 30.00 8.83 42.64
C GLY D 173 29.28 9.86 43.49
N LYS D 174 29.24 11.10 43.03
CA LYS D 174 28.51 12.18 43.70
C LYS D 174 27.03 12.11 43.38
N THR D 175 26.21 12.61 44.30
CA THR D 175 24.76 12.56 44.17
C THR D 175 24.14 13.94 44.25
N ALA D 176 23.24 14.23 43.30
CA ALA D 176 22.50 15.49 43.29
C ALA D 176 21.19 15.35 44.07
N THR D 177 21.07 16.09 45.16
CA THR D 177 19.87 16.09 45.98
C THR D 177 18.84 17.07 45.41
N PRO D 178 17.55 16.89 45.72
CA PRO D 178 16.50 17.83 45.27
C PRO D 178 16.78 19.28 45.66
N GLU D 179 17.39 19.47 46.83
CA GLU D 179 17.73 20.81 47.33
C GLU D 179 18.85 21.46 46.53
N GLN D 180 19.85 20.66 46.13
CA GLN D 180 20.95 21.13 45.30
C GLN D 180 20.48 21.50 43.90
N ALA D 181 19.56 20.69 43.37
CA ALA D 181 18.95 20.93 42.06
C ALA D 181 18.13 22.23 42.05
N GLN D 182 17.43 22.48 43.15
CA GLN D 182 16.58 23.68 43.31
C GLN D 182 17.39 24.99 43.25
N LEU D 183 18.55 24.98 43.90
CA LEU D 183 19.41 26.17 43.94
C LEU D 183 19.96 26.53 42.56
N VAL D 184 20.26 25.51 41.77
CA VAL D 184 20.70 25.69 40.39
C VAL D 184 19.54 26.19 39.53
N HIS D 185 18.36 25.58 39.72
CA HIS D 185 17.13 26.00 39.04
C HIS D 185 16.79 27.47 39.29
N LYS D 186 16.98 27.91 40.53
CA LYS D 186 16.80 29.32 40.90
C LYS D 186 17.80 30.22 40.17
N GLU D 187 19.03 29.74 40.03
CA GLU D 187 20.08 30.48 39.34
C GLU D 187 19.87 30.54 37.83
N ILE D 188 19.29 29.47 37.27
CA ILE D 188 18.92 29.45 35.86
C ILE D 188 17.82 30.48 35.58
N ARG D 189 16.81 30.51 36.44
CA ARG D 189 15.72 31.48 36.34
C ARG D 189 16.23 32.91 36.55
N LYS D 190 17.23 33.04 37.42
CA LYS D 190 17.93 34.31 37.67
C LYS D 190 18.59 34.83 36.39
N ILE D 191 19.25 33.94 35.65
CA ILE D 191 19.90 34.27 34.37
C ILE D 191 18.87 34.74 33.33
N VAL D 192 17.74 34.03 33.26
CA VAL D 192 16.65 34.39 32.36
C VAL D 192 16.02 35.74 32.75
N LYS D 193 15.97 36.02 34.05
CA LYS D 193 15.49 37.31 34.56
C LYS D 193 16.44 38.45 34.18
N ASP D 194 17.75 38.21 34.34
CA ASP D 194 18.77 39.20 34.04
C ASP D 194 18.91 39.50 32.54
N THR D 195 18.75 38.46 31.72
CA THR D 195 18.95 38.58 30.27
C THR D 195 17.67 38.92 29.50
N CYS D 196 16.54 38.41 29.98
CA CYS D 196 15.26 38.63 29.29
C CYS D 196 14.32 39.55 30.08
N GLY D 197 13.98 39.14 31.31
CA GLY D 197 13.07 39.90 32.15
C GLY D 197 12.36 39.05 33.19
N GLU D 198 11.66 39.70 34.11
CA GLU D 198 10.99 39.02 35.22
C GLU D 198 9.80 38.16 34.78
N LYS D 199 9.03 38.66 33.82
CA LYS D 199 7.87 37.92 33.30
C LYS D 199 8.28 36.71 32.48
N GLN D 200 9.34 36.87 31.69
CA GLN D 200 9.88 35.79 30.87
C GLN D 200 10.48 34.67 31.74
N ALA D 201 11.09 35.07 32.85
CA ALA D 201 11.66 34.13 33.83
C ALA D 201 10.57 33.35 34.54
N ASN D 202 9.45 34.02 34.83
CA ASN D 202 8.30 33.40 35.48
C ASN D 202 7.43 32.58 34.53
N GLN D 203 7.72 32.69 33.24
CA GLN D 203 7.04 31.92 32.20
C GLN D 203 7.72 30.59 31.93
N ILE D 204 9.05 30.63 31.83
CA ILE D 204 9.84 29.51 31.33
C ILE D 204 9.86 28.29 32.26
N ARG D 205 9.65 27.11 31.67
CA ARG D 205 9.74 25.86 32.40
C ARG D 205 11.19 25.40 32.49
N ILE D 206 11.63 25.11 33.71
CA ILE D 206 12.99 24.59 33.93
C ILE D 206 12.89 23.22 34.60
N LEU D 207 13.32 22.19 33.87
CA LEU D 207 13.18 20.81 34.31
C LEU D 207 14.48 20.23 34.85
N TYR D 208 14.35 19.30 35.79
CA TYR D 208 15.49 18.55 36.28
C TYR D 208 15.78 17.40 35.32
N GLY D 209 17.05 17.29 34.91
CA GLY D 209 17.47 16.27 33.95
C GLY D 209 18.45 15.25 34.50
N GLY D 210 18.47 15.10 35.82
CA GLY D 210 19.23 14.04 36.47
C GLY D 210 18.39 12.78 36.59
N SER D 211 18.81 11.87 37.45
CA SER D 211 18.10 10.61 37.64
C SER D 211 16.77 10.82 38.36
N VAL D 212 15.68 10.49 37.67
CA VAL D 212 14.33 10.63 38.22
C VAL D 212 13.62 9.27 38.20
N ASN D 213 13.07 8.89 39.35
CA ASN D 213 12.33 7.65 39.49
C ASN D 213 11.03 7.86 40.28
N THR D 214 10.29 6.78 40.54
CA THR D 214 9.02 6.86 41.28
C THR D 214 9.20 7.32 42.72
N GLU D 215 10.40 7.12 43.28
CA GLU D 215 10.65 7.37 44.70
C GLU D 215 11.19 8.77 45.01
N ASN D 216 11.77 9.44 44.00
CA ASN D 216 12.32 10.78 44.21
C ASN D 216 11.59 11.90 43.44
N CYS D 217 10.66 11.53 42.57
CA CYS D 217 9.97 12.49 41.71
C CYS D 217 9.15 13.54 42.48
N SER D 218 8.51 13.11 43.56
CA SER D 218 7.72 14.01 44.40
C SER D 218 8.57 15.05 45.12
N SER D 219 9.72 14.63 45.64
CA SER D 219 10.64 15.55 46.34
C SER D 219 11.26 16.57 45.39
N LEU D 220 11.41 16.19 44.12
CA LEU D 220 11.95 17.08 43.10
C LEU D 220 10.92 18.11 42.63
N ILE D 221 9.70 17.65 42.31
CA ILE D 221 8.63 18.51 41.82
C ILE D 221 8.13 19.53 42.86
N GLN D 222 8.31 19.20 44.14
CA GLN D 222 7.92 20.08 45.25
C GLN D 222 8.76 21.35 45.34
N GLN D 223 9.98 21.29 44.82
CA GLN D 223 10.90 22.43 44.81
C GLN D 223 10.33 23.57 43.98
N GLU D 224 10.46 24.80 44.49
CA GLU D 224 9.82 25.99 43.92
C GLU D 224 10.13 26.27 42.45
N ASP D 225 11.34 25.92 42.01
CA ASP D 225 11.77 26.25 40.65
C ASP D 225 12.01 25.05 39.73
N ILE D 226 11.61 23.87 40.18
CA ILE D 226 11.64 22.66 39.35
C ILE D 226 10.23 22.43 38.79
N ASP D 227 10.10 22.57 37.48
CA ASP D 227 8.80 22.56 36.82
C ASP D 227 8.48 21.22 36.13
N GLY D 228 9.28 20.20 36.45
CA GLY D 228 9.13 18.88 35.84
C GLY D 228 10.45 18.18 35.64
N PHE D 229 10.45 17.15 34.80
CA PHE D 229 11.63 16.33 34.59
C PHE D 229 11.78 15.86 33.14
N LEU D 230 13.03 15.66 32.72
CA LEU D 230 13.35 14.88 31.54
C LEU D 230 13.78 13.51 32.05
N VAL D 231 12.89 12.53 31.93
CA VAL D 231 13.05 11.22 32.56
C VAL D 231 13.74 10.22 31.63
N GLY D 232 14.75 9.54 32.16
CA GLY D 232 15.50 8.53 31.41
C GLY D 232 14.87 7.16 31.43
N ASN D 233 15.59 6.20 32.03
CA ASN D 233 15.19 4.79 32.02
C ASN D 233 13.88 4.46 32.75
N ALA D 234 13.48 5.32 33.68
CA ALA D 234 12.22 5.14 34.40
C ALA D 234 11.00 5.36 33.50
N SER D 235 11.21 6.04 32.37
CA SER D 235 10.15 6.27 31.39
C SER D 235 9.93 5.07 30.48
N LEU D 236 10.81 4.08 30.57
CA LEU D 236 10.70 2.83 29.83
C LEU D 236 9.85 1.81 30.58
N LYS D 237 9.37 2.19 31.75
CA LYS D 237 8.60 1.31 32.62
C LYS D 237 7.14 1.78 32.73
N GLU D 238 6.24 0.83 33.02
CA GLU D 238 4.81 1.13 33.18
C GLU D 238 4.54 2.06 34.37
N SER D 239 5.47 2.07 35.33
CA SER D 239 5.35 2.90 36.53
C SER D 239 5.63 4.39 36.27
N PHE D 240 5.97 4.74 35.02
CA PHE D 240 6.19 6.14 34.62
C PHE D 240 4.93 6.99 34.84
N VAL D 241 3.76 6.35 34.80
CA VAL D 241 2.48 7.02 35.07
C VAL D 241 2.44 7.64 36.48
N ASP D 242 3.13 7.02 37.43
CA ASP D 242 3.21 7.53 38.80
C ASP D 242 4.12 8.74 38.91
N ILE D 243 5.11 8.82 38.01
CA ILE D 243 5.99 9.99 37.91
C ILE D 243 5.21 11.17 37.32
N ILE D 244 4.37 10.88 36.32
CA ILE D 244 3.45 11.88 35.75
C ILE D 244 2.48 12.37 36.84
N LYS D 245 1.96 11.42 37.63
CA LYS D 245 1.03 11.73 38.72
C LYS D 245 1.59 12.67 39.78
N SER D 246 2.90 12.66 39.96
CA SER D 246 3.57 13.52 40.94
C SER D 246 3.49 15.00 40.58
N ALA D 247 3.31 15.29 39.29
CA ALA D 247 3.20 16.65 38.78
C ALA D 247 1.75 17.06 38.50
N MET D 248 0.82 16.22 38.96
CA MET D 248 -0.61 16.45 38.75
C MET D 248 -1.30 16.89 40.04
C1 3PG E . -29.98 -15.56 -10.06
O1 3PG E . -29.37 -16.41 -10.74
O2 3PG E . -31.14 -15.75 -9.65
C2 3PG E . -29.29 -14.27 -9.72
O3 3PG E . -30.06 -13.54 -8.75
C3 3PG E . -29.11 -13.41 -10.96
O1P 3PG E . -28.23 -12.32 -10.68
P 3PG E . -27.21 -11.73 -11.79
O2P 3PG E . -28.10 -11.22 -12.90
O3P 3PG E . -26.35 -12.90 -12.20
O4P 3PG E . -26.47 -10.65 -11.05
C1 3PG F . -28.13 -18.97 -15.58
O1 3PG F . -28.69 -18.16 -14.82
O2 3PG F . -28.71 -20.02 -15.96
C2 3PG F . -26.75 -18.69 -16.08
O3 3PG F . -26.29 -19.74 -16.94
C3 3PG F . -25.78 -18.54 -14.91
O1P 3PG F . -24.47 -18.22 -15.38
P 3PG F . -23.38 -17.49 -14.44
O2P 3PG F . -24.01 -16.16 -14.09
O3P 3PG F . -22.17 -17.37 -15.32
O4P 3PG F . -23.22 -18.41 -13.26
C1 3PG G . 31.41 11.42 16.45
O1 3PG G . 32.60 11.18 16.72
O2 3PG G . 30.93 12.57 16.50
C2 3PG G . 30.50 10.28 16.05
O3 3PG G . 31.23 9.05 16.00
C3 3PG G . 29.87 10.53 14.68
O1P 3PG G . 28.85 9.56 14.46
P 3PG G . 27.59 9.86 13.50
O2P 3PG G . 28.20 10.19 12.15
O3P 3PG G . 26.88 11.01 14.14
O4P 3PG G . 26.82 8.56 13.53
C1 3PG H . 29.39 17.67 15.14
O1 3PG H . 30.15 18.56 15.55
O2 3PG H . 29.80 16.52 14.83
C2 3PG H . 27.92 17.97 15.00
O3 3PG H . 27.70 19.37 15.20
C3 3PG H . 27.11 17.18 16.01
O1P 3PG H . 25.72 17.18 15.67
P 3PG H . 24.71 16.06 16.23
O2P 3PG H . 23.35 16.53 15.78
O3P 3PG H . 24.91 16.07 17.73
O4P 3PG H . 25.16 14.78 15.57
#